data_6SQG
#
_entry.id   6SQG
#
_cell.length_a   79.582
_cell.length_b   99.699
_cell.length_c   82.958
_cell.angle_alpha   90.000
_cell.angle_beta   117.170
_cell.angle_gamma   90.000
#
_symmetry.space_group_name_H-M   'P 1 21 1'
#
loop_
_entity.id
_entity.type
_entity.pdbx_description
1 polymer 'viral rhodopsin OLPVRII'
2 polymer 'viral rhodopsin OLPVRII'
3 non-polymer EICOSANE
4 non-polymer RETINAL
5 non-polymer '(2S)-2,3-dihydroxypropyl (9Z)-octadec-9-enoate'
6 water water
#
loop_
_entity_poly.entity_id
_entity_poly.type
_entity_poly.pdbx_seq_one_letter_code
_entity_poly.pdbx_strand_id
1 'polypeptide(L)'
;MSDLIEYSFYLTYAFLMTTGTITFIEALRTKNESVRHILNLETCISVVAAFFYSNFIGKLEHINYEEINLNRYVDWAITT
PIMLLVLVLAFRVNQTNKAMVKFSDFMIILGMNYGMLGTGYLGDIGVIHKTMGTVLGFLFFGGLFYKLNTLRTSNASNDL
LYGAFFVLWALYGVFYQMEQLPRNVGYNVLDLFSKCFVGIYFWAFYAKIFT
;
A,B,C,D
2 'polypeptide(L)'
;MSDLIEYSFYLTYAFLMTTGTITFIEALRTKNESVRHILNLETCISVVAAFFYSNFIGKLEHINYEEINLNRYVDWAITT
PIMLLVLVLAFRVNQTNKAMVKFSDFMIILGMNYGMLGTGYLGDIGVIHKTMGTVLGFLFFGGLFYKLNTLRTSNASNDL
LYGAFFVLWALYGVFYQMEQLPRNVGYNVLDLFSKCFVGIYFWAFYAKIFTLEHHHHHH
;
E
#
# COMPACT_ATOMS: atom_id res chain seq x y z
N SER A 2 -6.01 22.85 22.86
CA SER A 2 -6.66 21.81 23.72
C SER A 2 -7.40 20.83 22.83
N ASP A 3 -8.65 21.15 22.50
CA ASP A 3 -9.37 20.41 21.47
C ASP A 3 -8.90 20.89 20.10
N LEU A 4 -8.60 22.19 20.03
CA LEU A 4 -8.05 22.79 18.83
C LEU A 4 -6.85 21.99 18.36
N ILE A 5 -5.99 21.64 19.31
CA ILE A 5 -4.78 20.89 18.98
C ILE A 5 -5.16 19.60 18.24
N GLU A 6 -6.13 18.86 18.75
CA GLU A 6 -6.46 17.54 18.22
C GLU A 6 -7.04 17.63 16.80
N TYR A 7 -8.05 18.47 16.62
CA TYR A 7 -8.70 18.62 15.34
C TYR A 7 -7.70 19.08 14.28
N SER A 8 -6.84 20.03 14.63
CA SER A 8 -5.89 20.58 13.66
C SER A 8 -4.87 19.52 13.26
N PHE A 9 -4.50 18.63 14.17
CA PHE A 9 -3.62 17.49 13.84
C PHE A 9 -4.29 16.58 12.81
N TYR A 10 -5.56 16.27 13.05
CA TYR A 10 -6.29 15.36 12.18
C TYR A 10 -6.55 15.96 10.82
N LEU A 11 -6.82 17.26 10.80
CA LEU A 11 -7.05 17.96 9.56
C LEU A 11 -5.83 17.86 8.66
N THR A 12 -4.66 18.17 9.20
CA THR A 12 -3.45 18.17 8.39
C THR A 12 -3.09 16.75 8.00
N TYR A 13 -3.19 15.82 8.95
CA TYR A 13 -2.87 14.43 8.67
C TYR A 13 -3.72 13.93 7.51
N ALA A 14 -5.03 14.19 7.56
CA ALA A 14 -5.94 13.70 6.54
C ALA A 14 -5.67 14.39 5.20
N PHE A 15 -5.36 15.68 5.22
CA PHE A 15 -5.05 16.36 3.97
C PHE A 15 -3.71 15.91 3.37
N LEU A 16 -2.79 15.46 4.22
CA LEU A 16 -1.53 14.90 3.70
C LEU A 16 -1.78 13.58 2.94
N MET A 17 -2.73 12.80 3.42
CA MET A 17 -3.16 11.58 2.71
CA MET A 17 -3.16 11.58 2.72
C MET A 17 -3.71 11.94 1.35
N THR A 18 -4.51 12.99 1.30
CA THR A 18 -5.10 13.47 0.06
C THR A 18 -4.04 13.90 -0.92
N THR A 19 -3.14 14.74 -0.45
CA THR A 19 -2.12 15.32 -1.29
C THR A 19 -1.22 14.21 -1.82
N GLY A 20 -0.83 13.29 -0.93
CA GLY A 20 0.02 12.17 -1.31
C GLY A 20 -0.61 11.28 -2.35
N THR A 21 -1.90 11.03 -2.21
CA THR A 21 -2.61 10.19 -3.17
C THR A 21 -2.68 10.89 -4.54
N ILE A 22 -3.00 12.17 -4.54
CA ILE A 22 -3.18 12.87 -5.80
CA ILE A 22 -3.17 12.87 -5.80
C ILE A 22 -1.87 12.93 -6.59
N THR A 23 -0.79 13.30 -5.92
CA THR A 23 0.50 13.42 -6.59
C THR A 23 1.07 12.03 -7.01
N PHE A 24 0.84 11.02 -6.18
CA PHE A 24 1.28 9.66 -6.51
C PHE A 24 0.65 9.15 -7.80
N ILE A 25 -0.68 9.27 -7.90
CA ILE A 25 -1.38 8.80 -9.08
C ILE A 25 -0.92 9.58 -10.31
N GLU A 26 -0.82 10.91 -10.21
CA GLU A 26 -0.39 11.68 -11.37
C GLU A 26 1.10 11.46 -11.69
N ALA A 27 1.95 11.21 -10.69
CA ALA A 27 3.38 10.88 -10.98
C ALA A 27 3.47 9.64 -11.85
N LEU A 28 2.57 8.69 -11.62
CA LEU A 28 2.61 7.41 -12.28
C LEU A 28 2.01 7.45 -13.70
N ARG A 29 1.31 8.52 -14.03
CA ARG A 29 0.59 8.57 -15.29
C ARG A 29 0.96 9.74 -16.21
N THR A 30 1.57 10.80 -15.69
CA THR A 30 1.96 11.92 -16.55
C THR A 30 2.92 11.45 -17.65
N LYS A 31 2.78 12.02 -18.85
CA LYS A 31 3.68 11.70 -19.95
C LYS A 31 4.90 12.61 -19.94
N ASN A 32 4.89 13.59 -19.04
CA ASN A 32 5.98 14.53 -18.93
C ASN A 32 6.91 14.14 -17.79
N GLU A 33 8.11 13.68 -18.13
CA GLU A 33 9.04 13.16 -17.14
C GLU A 33 9.44 14.19 -16.10
N SER A 34 9.50 15.45 -16.50
CA SER A 34 9.87 16.54 -15.59
C SER A 34 8.81 16.75 -14.53
N VAL A 35 7.55 16.68 -14.95
CA VAL A 35 6.43 16.74 -14.02
C VAL A 35 6.45 15.52 -13.10
N ARG A 36 6.77 14.35 -13.63
CA ARG A 36 6.87 13.17 -12.77
C ARG A 36 7.87 13.41 -11.64
N HIS A 37 9.03 13.95 -11.96
CA HIS A 37 10.05 14.15 -10.93
C HIS A 37 9.57 15.08 -9.83
N ILE A 38 8.90 16.15 -10.23
CA ILE A 38 8.34 17.08 -9.27
C ILE A 38 7.25 16.41 -8.42
N LEU A 39 6.35 15.68 -9.06
CA LEU A 39 5.25 15.06 -8.35
C LEU A 39 5.72 13.89 -7.48
N ASN A 40 6.78 13.21 -7.92
CA ASN A 40 7.42 12.17 -7.12
C ASN A 40 7.94 12.77 -5.81
N LEU A 41 8.75 13.83 -5.93
CA LEU A 41 9.25 14.56 -4.77
C LEU A 41 8.10 15.03 -3.86
N GLU A 42 7.04 15.58 -4.45
CA GLU A 42 5.88 16.02 -3.68
C GLU A 42 5.26 14.87 -2.90
N THR A 43 5.19 13.70 -3.52
CA THR A 43 4.67 12.51 -2.84
C THR A 43 5.53 12.17 -1.63
N CYS A 44 6.85 12.25 -1.78
CA CYS A 44 7.76 12.00 -0.67
C CYS A 44 7.46 12.91 0.51
N ILE A 45 7.27 14.19 0.21
CA ILE A 45 6.94 15.16 1.24
C ILE A 45 5.73 14.74 2.06
N SER A 46 4.63 14.38 1.38
CA SER A 46 3.40 13.95 2.06
C SER A 46 3.60 12.65 2.85
N VAL A 47 4.36 11.71 2.30
CA VAL A 47 4.67 10.48 2.99
C VAL A 47 5.41 10.72 4.31
N VAL A 48 6.44 11.54 4.28
CA VAL A 48 7.21 11.84 5.47
C VAL A 48 6.40 12.61 6.50
N ALA A 49 5.75 13.70 6.07
CA ALA A 49 4.92 14.48 6.97
C ALA A 49 3.79 13.64 7.58
N ALA A 50 3.14 12.82 6.74
CA ALA A 50 2.07 11.96 7.22
C ALA A 50 2.58 11.04 8.31
N PHE A 51 3.79 10.51 8.13
CA PHE A 51 4.38 9.67 9.17
C PHE A 51 4.52 10.42 10.49
N PHE A 52 5.01 11.66 10.43
CA PHE A 52 5.20 12.43 11.65
C PHE A 52 3.88 12.83 12.28
N TYR A 53 2.91 13.22 11.48
CA TYR A 53 1.61 13.54 12.03
C TYR A 53 0.94 12.33 12.69
N SER A 54 1.09 11.15 12.11
CA SER A 54 0.51 9.95 12.69
CA SER A 54 0.52 9.94 12.69
C SER A 54 1.17 9.68 14.04
N ASN A 55 2.47 9.92 14.11
CA ASN A 55 3.23 9.73 15.34
C ASN A 55 2.81 10.72 16.43
N PHE A 56 2.67 11.99 16.07
CA PHE A 56 2.21 13.01 17.00
C PHE A 56 0.84 12.67 17.54
N ILE A 57 -0.05 12.27 16.65
CA ILE A 57 -1.41 11.95 17.05
C ILE A 57 -1.38 10.76 18.01
N GLY A 58 -0.62 9.74 17.65
CA GLY A 58 -0.47 8.55 18.47
C GLY A 58 0.05 8.83 19.86
N LYS A 59 0.95 9.81 19.97
CA LYS A 59 1.62 10.12 21.25
C LYS A 59 1.00 11.30 21.98
N LEU A 60 -0.13 11.81 21.50
CA LEU A 60 -0.71 13.03 22.04
C LEU A 60 -0.84 13.03 23.56
N GLU A 61 -1.24 11.92 24.15
CA GLU A 61 -1.43 11.93 25.60
C GLU A 61 -0.24 11.43 26.41
N HIS A 62 0.92 11.43 25.76
CA HIS A 62 2.13 10.86 26.34
C HIS A 62 3.29 11.82 26.25
N ILE A 63 3.11 12.92 25.54
CA ILE A 63 4.18 13.91 25.35
C ILE A 63 3.59 15.31 25.46
N ASN A 64 4.40 16.31 25.77
CA ASN A 64 3.88 17.67 25.90
C ASN A 64 4.07 18.52 24.65
N TYR A 65 3.43 19.69 24.65
CA TYR A 65 3.41 20.58 23.48
C TYR A 65 4.80 20.95 23.05
N GLU A 66 5.64 21.24 24.04
CA GLU A 66 7.02 21.60 23.80
C GLU A 66 7.77 20.48 23.06
N GLU A 67 7.60 19.24 23.53
CA GLU A 67 8.27 18.09 22.93
C GLU A 67 7.81 17.87 21.49
N ILE A 68 6.53 18.09 21.23
CA ILE A 68 6.03 17.95 19.89
C ILE A 68 6.72 18.97 18.98
N ASN A 69 6.79 20.22 19.43
CA ASN A 69 7.44 21.26 18.63
C ASN A 69 8.93 20.97 18.42
N LEU A 70 9.60 20.42 19.41
CA LEU A 70 11.00 20.03 19.21
C LEU A 70 11.09 18.89 18.17
N ASN A 71 10.16 17.94 18.25
CA ASN A 71 10.15 16.79 17.32
C ASN A 71 9.90 17.18 15.87
N ARG A 72 9.16 18.26 15.68
CA ARG A 72 8.86 18.75 14.34
C ARG A 72 10.15 19.01 13.55
N TYR A 73 11.22 19.39 14.24
CA TYR A 73 12.47 19.71 13.55
C TYR A 73 12.99 18.53 12.74
N VAL A 74 12.73 17.31 13.21
CA VAL A 74 13.15 16.13 12.49
C VAL A 74 12.41 16.01 11.15
N ASP A 75 11.09 16.23 11.19
CA ASP A 75 10.27 16.32 10.00
C ASP A 75 10.78 17.42 9.09
N TRP A 76 10.98 18.61 9.64
CA TRP A 76 11.45 19.76 8.84
C TRP A 76 12.78 19.49 8.17
N ALA A 77 13.67 18.80 8.86
CA ALA A 77 15.01 18.51 8.33
C ALA A 77 14.94 17.65 7.06
N ILE A 78 13.87 16.86 6.95
CA ILE A 78 13.70 15.99 5.80
C ILE A 78 12.84 16.65 4.73
N THR A 79 11.77 17.32 5.15
CA THR A 79 10.83 17.83 4.18
C THR A 79 11.26 19.15 3.56
N THR A 80 11.88 20.05 4.33
CA THR A 80 12.29 21.32 3.76
C THR A 80 13.23 21.20 2.56
N PRO A 81 14.24 20.33 2.62
CA PRO A 81 15.10 20.25 1.42
C PRO A 81 14.38 19.71 0.18
N ILE A 82 13.44 18.78 0.37
CA ILE A 82 12.70 18.24 -0.75
C ILE A 82 11.79 19.31 -1.35
N MET A 83 11.11 20.06 -0.47
CA MET A 83 10.25 21.17 -0.86
C MET A 83 11.00 22.24 -1.66
N LEU A 84 12.22 22.54 -1.24
CA LEU A 84 13.04 23.55 -1.93
C LEU A 84 13.53 23.03 -3.27
N LEU A 85 13.85 21.74 -3.33
CA LEU A 85 14.25 21.10 -4.58
C LEU A 85 13.11 21.21 -5.57
N VAL A 86 11.93 20.84 -5.12
CA VAL A 86 10.72 21.00 -5.94
C VAL A 86 10.58 22.44 -6.44
N LEU A 87 10.70 23.40 -5.54
CA LEU A 87 10.57 24.81 -5.91
C LEU A 87 11.49 25.14 -7.08
N VAL A 88 12.78 24.84 -6.95
CA VAL A 88 13.76 25.25 -7.94
C VAL A 88 13.64 24.47 -9.24
N LEU A 89 13.26 23.19 -9.13
CA LEU A 89 12.96 22.39 -10.31
C LEU A 89 11.76 22.97 -11.06
N ALA A 90 10.70 23.31 -10.33
CA ALA A 90 9.50 23.90 -10.94
C ALA A 90 9.81 25.22 -11.67
N PHE A 91 10.69 26.02 -11.09
CA PHE A 91 11.15 27.26 -11.72
C PHE A 91 11.64 26.99 -13.13
N ARG A 92 12.50 25.98 -13.30
CA ARG A 92 12.98 25.64 -14.62
C ARG A 92 11.93 24.93 -15.49
N VAL A 93 11.13 24.06 -14.89
CA VAL A 93 10.10 23.39 -15.69
C VAL A 93 9.19 24.42 -16.35
N ASN A 94 8.83 25.47 -15.61
CA ASN A 94 7.93 26.49 -16.11
C ASN A 94 8.55 27.32 -17.23
N GLN A 95 9.88 27.36 -17.26
CA GLN A 95 10.60 28.11 -18.28
C GLN A 95 10.89 27.26 -19.53
N THR A 96 11.41 26.04 -19.32
CA THR A 96 11.92 25.21 -20.42
C THR A 96 11.33 23.81 -20.49
N ASN A 97 10.48 23.46 -19.54
CA ASN A 97 9.92 22.11 -19.44
C ASN A 97 10.97 21.04 -19.08
N LYS A 98 12.05 21.45 -18.45
CA LYS A 98 13.06 20.51 -18.00
C LYS A 98 13.31 20.72 -16.50
N ALA A 99 13.29 19.63 -15.74
CA ALA A 99 13.55 19.68 -14.30
C ALA A 99 15.03 19.51 -14.02
N MET A 100 15.74 20.63 -13.95
CA MET A 100 17.16 20.61 -13.62
C MET A 100 17.51 21.82 -12.80
N VAL A 101 18.53 21.66 -11.97
CA VAL A 101 19.11 22.76 -11.24
C VAL A 101 20.60 22.46 -11.08
N LYS A 102 21.43 23.50 -10.92
CA LYS A 102 22.84 23.27 -10.60
C LYS A 102 22.97 22.75 -9.18
N PHE A 103 23.72 21.67 -9.00
CA PHE A 103 23.93 21.09 -7.68
C PHE A 103 24.52 22.10 -6.70
N SER A 104 25.46 22.91 -7.17
CA SER A 104 26.08 23.92 -6.31
C SER A 104 25.04 24.94 -5.80
N ASP A 105 24.15 25.37 -6.68
CA ASP A 105 23.06 26.25 -6.26
C ASP A 105 22.20 25.58 -5.21
N PHE A 106 21.87 24.31 -5.43
CA PHE A 106 21.05 23.59 -4.49
C PHE A 106 21.77 23.44 -3.14
N MET A 107 23.07 23.21 -3.14
CA MET A 107 23.79 23.11 -1.88
C MET A 107 23.82 24.43 -1.10
N ILE A 108 23.92 25.55 -1.81
CA ILE A 108 23.83 26.87 -1.15
C ILE A 108 22.46 27.10 -0.53
N ILE A 109 21.41 26.73 -1.28
CA ILE A 109 20.05 26.78 -0.77
C ILE A 109 19.94 25.97 0.51
N LEU A 110 20.50 24.77 0.52
CA LEU A 110 20.41 23.90 1.69
C LEU A 110 21.18 24.47 2.87
N GLY A 111 22.36 25.03 2.60
CA GLY A 111 23.14 25.70 3.63
C GLY A 111 22.34 26.78 4.35
N MET A 112 21.64 27.60 3.59
CA MET A 112 20.82 28.66 4.18
C MET A 112 19.65 28.05 4.96
N ASN A 113 19.02 27.06 4.35
CA ASN A 113 17.88 26.39 4.96
C ASN A 113 18.23 25.79 6.32
N TYR A 114 19.37 25.10 6.39
CA TYR A 114 19.76 24.47 7.63
C TYR A 114 20.32 25.44 8.66
N GLY A 115 20.85 26.58 8.24
CA GLY A 115 21.22 27.63 9.19
C GLY A 115 19.97 28.18 9.84
N MET A 116 18.95 28.43 9.02
CA MET A 116 17.64 28.86 9.51
C MET A 116 17.06 27.88 10.53
N LEU A 117 16.97 26.61 10.15
CA LEU A 117 16.38 25.60 11.03
C LEU A 117 17.24 25.39 12.26
N GLY A 118 18.55 25.35 12.07
CA GLY A 118 19.48 25.04 13.15
C GLY A 118 19.50 26.13 14.22
N THR A 119 19.53 27.39 13.80
CA THR A 119 19.54 28.50 14.76
C THR A 119 18.20 28.60 15.47
N GLY A 120 17.11 28.31 14.77
CA GLY A 120 15.80 28.16 15.41
C GLY A 120 15.81 27.10 16.49
N TYR A 121 16.32 25.91 16.13
CA TYR A 121 16.43 24.82 17.09
C TYR A 121 17.27 25.18 18.32
N LEU A 122 18.44 25.75 18.09
CA LEU A 122 19.31 26.15 19.20
C LEU A 122 18.62 27.12 20.15
N GLY A 123 17.87 28.07 19.61
CA GLY A 123 17.04 28.96 20.42
C GLY A 123 15.94 28.22 21.18
N ASP A 124 15.33 27.24 20.52
CA ASP A 124 14.26 26.47 21.16
C ASP A 124 14.78 25.63 22.32
N ILE A 125 16.01 25.15 22.26
CA ILE A 125 16.49 24.28 23.35
C ILE A 125 17.38 25.01 24.36
N GLY A 126 17.55 26.31 24.19
CA GLY A 126 18.25 27.11 25.21
C GLY A 126 19.74 27.28 24.98
N VAL A 127 20.26 26.69 23.91
CA VAL A 127 21.68 26.78 23.60
C VAL A 127 22.04 28.20 23.21
N ILE A 128 21.12 28.88 22.56
CA ILE A 128 21.18 30.33 22.41
C ILE A 128 19.85 30.93 22.85
N HIS A 129 19.86 32.22 23.14
CA HIS A 129 18.65 32.91 23.54
C HIS A 129 17.59 32.84 22.44
N LYS A 130 16.35 32.56 22.84
CA LYS A 130 15.22 32.48 21.93
C LYS A 130 15.21 33.66 20.95
N THR A 131 15.54 34.85 21.44
CA THR A 131 15.50 36.03 20.59
C THR A 131 16.58 36.00 19.53
N MET A 132 17.72 35.40 19.85
CA MET A 132 18.78 35.26 18.88
C MET A 132 18.38 34.18 17.87
N GLY A 133 17.69 33.16 18.35
CA GLY A 133 17.13 32.15 17.45
C GLY A 133 16.29 32.82 16.38
N THR A 134 15.48 33.79 16.79
CA THR A 134 14.59 34.48 15.87
C THR A 134 15.38 35.31 14.90
N VAL A 135 16.32 36.11 15.41
CA VAL A 135 17.10 37.00 14.57
C VAL A 135 17.96 36.25 13.55
N LEU A 136 18.72 35.28 14.02
CA LEU A 136 19.59 34.51 13.16
C LEU A 136 18.76 33.69 12.18
N GLY A 137 17.66 33.13 12.67
CA GLY A 137 16.74 32.37 11.83
C GLY A 137 16.26 33.19 10.65
N PHE A 138 15.79 34.39 10.93
CA PHE A 138 15.29 35.25 9.88
C PHE A 138 16.40 35.77 8.98
N LEU A 139 17.61 35.93 9.52
CA LEU A 139 18.74 36.29 8.67
C LEU A 139 19.00 35.18 7.66
N PHE A 140 19.02 33.93 8.12
CA PHE A 140 19.21 32.79 7.21
C PHE A 140 18.03 32.67 6.25
N PHE A 141 16.83 32.93 6.74
CA PHE A 141 15.64 32.97 5.88
C PHE A 141 15.85 33.96 4.74
N GLY A 142 16.37 35.15 5.08
CA GLY A 142 16.70 36.16 4.07
C GLY A 142 17.71 35.69 3.03
N GLY A 143 18.79 35.07 3.49
CA GLY A 143 19.76 34.47 2.58
C GLY A 143 19.10 33.43 1.68
N LEU A 144 18.27 32.59 2.27
CA LEU A 144 17.59 31.54 1.52
C LEU A 144 16.74 32.13 0.41
N PHE A 145 15.87 33.07 0.74
CA PHE A 145 14.96 33.62 -0.25
C PHE A 145 15.62 34.62 -1.19
N TYR A 146 16.73 35.21 -0.78
CA TYR A 146 17.54 35.99 -1.71
C TYR A 146 18.07 35.08 -2.83
N LYS A 147 18.65 33.95 -2.44
CA LYS A 147 19.18 32.98 -3.39
C LYS A 147 18.08 32.38 -4.27
N LEU A 148 16.97 31.99 -3.65
CA LEU A 148 15.82 31.49 -4.44
C LEU A 148 15.41 32.52 -5.50
N ASN A 149 15.35 33.78 -5.10
CA ASN A 149 14.94 34.83 -6.02
C ASN A 149 15.84 34.93 -7.26
N THR A 150 17.14 34.68 -7.08
CA THR A 150 18.08 34.74 -8.21
C THR A 150 17.83 33.63 -9.24
N LEU A 151 17.21 32.53 -8.81
CA LEU A 151 16.90 31.42 -9.71
C LEU A 151 15.48 31.51 -10.26
N ARG A 152 14.71 32.43 -9.69
CA ARG A 152 13.37 32.64 -10.18
C ARG A 152 13.46 33.45 -11.47
N THR A 153 12.87 32.92 -12.54
CA THR A 153 12.67 33.70 -13.75
C THR A 153 11.22 34.10 -13.72
N SER A 154 10.91 35.34 -14.10
CA SER A 154 9.54 35.82 -14.01
C SER A 154 8.59 35.10 -14.95
N ASN A 155 7.55 34.52 -14.37
CA ASN A 155 6.31 34.24 -15.07
C ASN A 155 5.26 34.09 -14.00
N ALA A 156 3.98 34.06 -14.39
CA ALA A 156 2.91 34.04 -13.41
C ALA A 156 3.15 32.95 -12.36
N SER A 157 3.37 31.73 -12.81
CA SER A 157 3.52 30.60 -11.87
C SER A 157 4.74 30.81 -10.97
N ASN A 158 5.89 31.12 -11.55
CA ASN A 158 7.09 31.25 -10.72
C ASN A 158 6.89 32.32 -9.65
N ASP A 159 6.21 33.42 -10.00
CA ASP A 159 6.04 34.51 -9.05
C ASP A 159 5.09 34.14 -7.94
N LEU A 160 4.02 33.43 -8.28
CA LEU A 160 3.09 32.94 -7.28
C LEU A 160 3.79 31.98 -6.32
N LEU A 161 4.55 31.05 -6.88
CA LEU A 161 5.25 30.04 -6.09
C LEU A 161 6.24 30.70 -5.15
N TYR A 162 7.07 31.57 -5.69
CA TYR A 162 8.00 32.30 -4.86
C TYR A 162 7.27 33.04 -3.75
N GLY A 163 6.23 33.78 -4.09
CA GLY A 163 5.51 34.56 -3.08
C GLY A 163 4.88 33.71 -1.99
N ALA A 164 4.32 32.57 -2.39
CA ALA A 164 3.64 31.69 -1.46
C ALA A 164 4.63 31.09 -0.52
N PHE A 165 5.76 30.64 -1.05
CA PHE A 165 6.80 30.10 -0.19
C PHE A 165 7.28 31.20 0.74
N PHE A 166 7.53 32.38 0.18
CA PHE A 166 8.07 33.46 0.99
C PHE A 166 7.17 33.71 2.20
N VAL A 167 5.88 33.88 1.96
CA VAL A 167 4.95 34.23 3.02
C VAL A 167 4.75 33.09 4.02
N LEU A 168 4.51 31.88 3.52
CA LEU A 168 4.26 30.74 4.40
C LEU A 168 5.47 30.43 5.28
N TRP A 169 6.65 30.39 4.67
CA TRP A 169 7.86 30.05 5.40
C TRP A 169 8.18 31.12 6.43
N ALA A 170 7.98 32.39 6.08
CA ALA A 170 8.17 33.48 7.06
C ALA A 170 7.27 33.29 8.28
N LEU A 171 6.05 32.78 8.05
CA LEU A 171 5.10 32.62 9.14
C LEU A 171 5.50 31.57 10.18
N TYR A 172 6.30 30.59 9.78
CA TYR A 172 6.85 29.66 10.76
C TYR A 172 7.68 30.42 11.81
N GLY A 173 8.44 31.41 11.35
CA GLY A 173 9.27 32.25 12.23
C GLY A 173 8.43 33.14 13.12
N VAL A 174 7.25 33.54 12.64
CA VAL A 174 6.30 34.28 13.46
C VAL A 174 5.71 33.39 14.55
N PHE A 175 5.27 32.19 14.18
CA PHE A 175 4.65 31.33 15.17
C PHE A 175 5.66 30.80 16.18
N TYR A 176 6.92 30.77 15.77
CA TYR A 176 8.04 30.44 16.65
C TYR A 176 8.01 31.28 17.93
N GLN A 177 7.46 32.50 17.84
CA GLN A 177 7.39 33.43 18.97
C GLN A 177 6.38 33.03 20.03
N MET A 178 5.37 32.26 19.63
CA MET A 178 4.23 32.02 20.48
C MET A 178 4.46 30.90 21.48
N GLU A 179 3.59 30.84 22.48
CA GLU A 179 3.68 29.79 23.50
C GLU A 179 3.38 28.44 22.85
N GLN A 180 3.79 27.37 23.52
CA GLN A 180 3.86 26.06 22.88
C GLN A 180 2.52 25.58 22.29
N LEU A 181 1.41 25.85 22.98
CA LEU A 181 0.11 25.39 22.51
C LEU A 181 -0.33 26.07 21.23
N PRO A 182 -0.44 27.40 21.25
CA PRO A 182 -0.85 28.01 19.99
C PRO A 182 0.18 27.82 18.89
N ARG A 183 1.46 27.65 19.24
CA ARG A 183 2.48 27.39 18.22
C ARG A 183 2.21 26.07 17.49
N ASN A 184 1.83 25.04 18.25
CA ASN A 184 1.45 23.76 17.66
C ASN A 184 0.33 23.92 16.66
N VAL A 185 -0.72 24.64 17.06
CA VAL A 185 -1.88 24.81 16.20
C VAL A 185 -1.48 25.56 14.93
N GLY A 186 -0.68 26.61 15.10
CA GLY A 186 -0.22 27.40 13.96
C GLY A 186 0.62 26.59 12.98
N TYR A 187 1.55 25.80 13.50
CA TYR A 187 2.38 24.95 12.66
C TYR A 187 1.54 23.90 11.94
N ASN A 188 0.57 23.32 12.63
CA ASN A 188 -0.35 22.38 12.00
C ASN A 188 -1.01 23.00 10.77
N VAL A 189 -1.51 24.22 10.93
CA VAL A 189 -2.18 24.93 9.82
C VAL A 189 -1.22 25.39 8.73
N LEU A 190 -0.05 25.88 9.12
CA LEU A 190 0.99 26.23 8.15
C LEU A 190 1.39 25.04 7.29
N ASP A 191 1.52 23.88 7.91
CA ASP A 191 1.87 22.66 7.17
C ASP A 191 0.76 22.31 6.20
N LEU A 192 -0.47 22.56 6.60
CA LEU A 192 -1.60 22.33 5.72
C LEU A 192 -1.42 23.14 4.45
N PHE A 193 -1.03 24.40 4.59
CA PHE A 193 -0.82 25.26 3.44
C PHE A 193 0.48 24.95 2.68
N SER A 194 1.58 24.86 3.42
CA SER A 194 2.90 24.79 2.81
C SER A 194 3.20 23.43 2.18
N LYS A 195 2.63 22.38 2.72
CA LYS A 195 2.81 21.06 2.13
C LYS A 195 1.60 20.65 1.31
N CYS A 196 0.43 20.64 1.93
CA CYS A 196 -0.77 20.12 1.25
C CYS A 196 -1.29 21.01 0.11
N PHE A 197 -1.60 22.27 0.41
CA PHE A 197 -2.18 23.13 -0.61
C PHE A 197 -1.18 23.44 -1.71
N VAL A 198 0.10 23.53 -1.37
CA VAL A 198 1.13 23.70 -2.38
C VAL A 198 1.22 22.47 -3.26
N GLY A 199 1.18 21.30 -2.64
CA GLY A 199 1.22 20.06 -3.39
C GLY A 199 0.03 19.93 -4.33
N ILE A 200 -1.15 20.27 -3.83
CA ILE A 200 -2.35 20.26 -4.69
C ILE A 200 -2.21 21.28 -5.84
N TYR A 201 -1.57 22.42 -5.55
CA TYR A 201 -1.31 23.41 -6.59
C TYR A 201 -0.45 22.84 -7.71
N PHE A 202 0.67 22.19 -7.37
CA PHE A 202 1.50 21.59 -8.39
C PHE A 202 0.70 20.60 -9.23
N TRP A 203 -0.05 19.74 -8.57
CA TRP A 203 -0.89 18.80 -9.29
C TRP A 203 -1.83 19.53 -10.24
N ALA A 204 -2.59 20.47 -9.70
CA ALA A 204 -3.63 21.17 -10.45
C ALA A 204 -3.01 21.98 -11.59
N PHE A 205 -1.84 22.55 -11.33
CA PHE A 205 -1.17 23.37 -12.31
C PHE A 205 -0.71 22.55 -13.50
N TYR A 206 -0.03 21.44 -13.23
CA TYR A 206 0.47 20.61 -14.31
C TYR A 206 -0.67 19.82 -15.00
N ALA A 207 -1.74 19.54 -14.27
CA ALA A 207 -2.90 18.86 -14.85
C ALA A 207 -3.80 19.81 -15.65
N LYS A 208 -3.53 21.12 -15.55
CA LYS A 208 -4.30 22.16 -16.25
C LYS A 208 -5.77 22.15 -15.84
N ILE A 209 -5.99 22.02 -14.54
CA ILE A 209 -7.32 21.91 -13.95
C ILE A 209 -8.00 23.28 -13.89
N PHE A 210 -7.20 24.32 -13.72
CA PHE A 210 -7.75 25.66 -13.55
C PHE A 210 -7.44 26.56 -14.74
N THR A 211 -8.41 27.36 -15.14
CA THR A 211 -8.17 28.46 -16.09
C THR A 211 -7.99 29.76 -15.30
N SER B 2 -14.39 -25.48 16.81
CA SER B 2 -13.68 -24.20 17.10
C SER B 2 -12.37 -24.09 16.31
N ASP B 3 -11.55 -25.14 16.36
CA ASP B 3 -10.29 -25.16 15.63
C ASP B 3 -10.57 -25.11 14.13
N LEU B 4 -11.48 -25.99 13.72
CA LEU B 4 -11.88 -26.08 12.33
C LEU B 4 -12.24 -24.70 11.81
N ILE B 5 -12.99 -23.95 12.60
CA ILE B 5 -13.46 -22.65 12.16
C ILE B 5 -12.32 -21.63 12.22
N GLU B 6 -11.39 -21.80 13.15
CA GLU B 6 -10.23 -20.90 13.18
C GLU B 6 -9.39 -21.11 11.92
N TYR B 7 -9.02 -22.35 11.65
CA TYR B 7 -8.17 -22.64 10.51
C TYR B 7 -8.86 -22.24 9.21
N SER B 8 -10.18 -22.41 9.14
CA SER B 8 -10.91 -22.11 7.91
C SER B 8 -11.03 -20.59 7.69
N PHE B 9 -11.07 -19.82 8.79
CA PHE B 9 -11.00 -18.35 8.70
C PHE B 9 -9.68 -17.93 8.05
N TYR B 10 -8.58 -18.46 8.57
CA TYR B 10 -7.24 -18.10 8.07
C TYR B 10 -7.03 -18.52 6.62
N LEU B 11 -7.50 -19.73 6.27
CA LEU B 11 -7.42 -20.20 4.89
C LEU B 11 -8.10 -19.23 3.94
N THR B 12 -9.35 -18.90 4.21
CA THR B 12 -10.09 -18.04 3.30
C THR B 12 -9.45 -16.65 3.27
N TYR B 13 -9.11 -16.12 4.44
CA TYR B 13 -8.46 -14.82 4.55
C TYR B 13 -7.19 -14.76 3.70
N ALA B 14 -6.31 -15.75 3.83
CA ALA B 14 -5.08 -15.75 3.06
C ALA B 14 -5.33 -15.94 1.57
N PHE B 15 -6.30 -16.79 1.20
CA PHE B 15 -6.64 -16.95 -0.19
C PHE B 15 -7.26 -15.67 -0.81
N LEU B 16 -7.98 -14.88 -0.01
CA LEU B 16 -8.48 -13.59 -0.48
C LEU B 16 -7.33 -12.63 -0.79
N MET B 17 -6.27 -12.68 0.01
CA MET B 17 -5.07 -11.89 -0.25
CA MET B 17 -5.07 -11.89 -0.25
C MET B 17 -4.45 -12.30 -1.57
N THR B 18 -4.35 -13.60 -1.78
CA THR B 18 -3.82 -14.13 -3.04
C THR B 18 -4.63 -13.66 -4.22
N THR B 19 -5.94 -13.86 -4.16
CA THR B 19 -6.82 -13.57 -5.26
C THR B 19 -6.81 -12.07 -5.56
N GLY B 20 -6.83 -11.25 -4.52
CA GLY B 20 -6.81 -9.79 -4.71
C GLY B 20 -5.52 -9.32 -5.33
N THR B 21 -4.40 -9.94 -4.96
CA THR B 21 -3.12 -9.54 -5.50
C THR B 21 -3.03 -9.89 -6.98
N ILE B 22 -3.47 -11.09 -7.34
CA ILE B 22 -3.35 -11.56 -8.72
CA ILE B 22 -3.36 -11.56 -8.72
C ILE B 22 -4.25 -10.76 -9.67
N THR B 23 -5.48 -10.49 -9.27
CA THR B 23 -6.36 -9.69 -10.12
C THR B 23 -5.92 -8.21 -10.18
N PHE B 24 -5.42 -7.68 -9.06
CA PHE B 24 -4.89 -6.30 -9.04
C PHE B 24 -3.78 -6.09 -10.05
N ILE B 25 -2.77 -6.95 -10.01
CA ILE B 25 -1.64 -6.82 -10.90
C ILE B 25 -2.09 -6.96 -12.36
N GLU B 26 -2.95 -7.94 -12.63
CA GLU B 26 -3.40 -8.14 -14.01
C GLU B 26 -4.34 -7.01 -14.49
N ALA B 27 -5.16 -6.47 -13.60
CA ALA B 27 -6.03 -5.32 -13.96
C ALA B 27 -5.17 -4.15 -14.38
N LEU B 28 -4.00 -4.02 -13.75
CA LEU B 28 -3.10 -2.94 -14.04
C LEU B 28 -2.29 -3.13 -15.34
N ARG B 29 -2.29 -4.34 -15.90
CA ARG B 29 -1.46 -4.59 -17.08
C ARG B 29 -2.20 -5.10 -18.31
N THR B 30 -3.40 -5.62 -18.15
CA THR B 30 -4.13 -6.10 -19.32
C THR B 30 -4.35 -4.99 -20.34
N LYS B 31 -4.24 -5.35 -21.62
CA LYS B 31 -4.45 -4.40 -22.70
C LYS B 31 -5.90 -4.39 -23.14
N ASN B 32 -6.69 -5.31 -22.59
CA ASN B 32 -8.12 -5.37 -22.86
C ASN B 32 -8.95 -4.66 -21.78
N GLU B 33 -9.53 -3.53 -22.14
CA GLU B 33 -10.24 -2.68 -21.19
C GLU B 33 -11.39 -3.41 -20.50
N SER B 34 -12.09 -4.27 -21.24
CA SER B 34 -13.20 -5.04 -20.68
C SER B 34 -12.74 -6.00 -19.59
N VAL B 35 -11.61 -6.66 -19.84
CA VAL B 35 -11.01 -7.55 -18.86
C VAL B 35 -10.57 -6.73 -17.64
N ARG B 36 -10.03 -5.53 -17.89
CA ARG B 36 -9.64 -4.68 -16.77
C ARG B 36 -10.82 -4.41 -15.85
N HIS B 37 -11.97 -4.07 -16.43
CA HIS B 37 -13.12 -3.74 -15.61
C HIS B 37 -13.51 -4.93 -14.75
N ILE B 38 -13.53 -6.11 -15.36
CA ILE B 38 -13.86 -7.32 -14.63
C ILE B 38 -12.83 -7.61 -13.51
N LEU B 39 -11.55 -7.48 -13.81
CA LEU B 39 -10.52 -7.76 -12.82
C LEU B 39 -10.47 -6.69 -11.71
N ASN B 40 -10.80 -5.46 -12.06
CA ASN B 40 -10.92 -4.37 -11.10
C ASN B 40 -12.02 -4.70 -10.09
N LEU B 41 -13.20 -5.05 -10.60
CA LEU B 41 -14.29 -5.51 -9.75
C LEU B 41 -13.93 -6.69 -8.87
N GLU B 42 -13.25 -7.69 -9.44
CA GLU B 42 -12.83 -8.85 -8.66
C GLU B 42 -11.85 -8.44 -7.55
N THR B 43 -11.00 -7.47 -7.83
CA THR B 43 -10.08 -6.99 -6.81
C THR B 43 -10.90 -6.39 -5.66
N CYS B 44 -11.95 -5.64 -5.98
CA CYS B 44 -12.75 -5.03 -4.92
C CYS B 44 -13.37 -6.08 -4.02
N ILE B 45 -13.87 -7.17 -4.62
CA ILE B 45 -14.46 -8.25 -3.86
C ILE B 45 -13.50 -8.81 -2.82
N SER B 46 -12.27 -9.09 -3.25
CA SER B 46 -11.24 -9.62 -2.35
C SER B 46 -10.92 -8.63 -1.22
N VAL B 47 -10.78 -7.36 -1.58
CA VAL B 47 -10.46 -6.30 -0.61
C VAL B 47 -11.52 -6.27 0.48
N VAL B 48 -12.78 -6.19 0.08
CA VAL B 48 -13.87 -6.11 1.03
C VAL B 48 -13.96 -7.39 1.88
N ALA B 49 -13.97 -8.55 1.23
CA ALA B 49 -14.11 -9.78 2.01
C ALA B 49 -12.93 -9.96 2.94
N ALA B 50 -11.74 -9.62 2.47
CA ALA B 50 -10.54 -9.72 3.31
C ALA B 50 -10.68 -8.81 4.52
N PHE B 51 -11.26 -7.63 4.34
CA PHE B 51 -11.48 -6.77 5.51
C PHE B 51 -12.33 -7.50 6.56
N PHE B 52 -13.46 -8.07 6.12
CA PHE B 52 -14.35 -8.72 7.06
C PHE B 52 -13.71 -9.93 7.73
N TYR B 53 -12.98 -10.73 6.97
CA TYR B 53 -12.27 -11.87 7.58
C TYR B 53 -11.20 -11.43 8.60
N SER B 54 -10.48 -10.35 8.31
CA SER B 54 -9.50 -9.84 9.30
C SER B 54 -10.23 -9.47 10.57
N ASN B 55 -11.45 -8.98 10.43
CA ASN B 55 -12.30 -8.66 11.58
C ASN B 55 -12.73 -9.87 12.38
N PHE B 56 -13.19 -10.91 11.68
CA PHE B 56 -13.59 -12.13 12.34
C PHE B 56 -12.39 -12.67 13.09
N ILE B 57 -11.23 -12.67 12.43
CA ILE B 57 -10.02 -13.23 13.02
C ILE B 57 -9.63 -12.47 14.28
N GLY B 58 -9.71 -11.14 14.26
CA GLY B 58 -9.42 -10.31 15.43
C GLY B 58 -10.41 -10.49 16.58
N LYS B 59 -11.55 -11.11 16.27
CA LYS B 59 -12.58 -11.35 17.29
C LYS B 59 -12.51 -12.75 17.88
N LEU B 60 -11.58 -13.56 17.41
CA LEU B 60 -11.55 -14.97 17.80
C LEU B 60 -11.50 -15.20 19.32
N GLU B 61 -10.74 -14.39 20.05
CA GLU B 61 -10.56 -14.62 21.50
C GLU B 61 -11.79 -14.27 22.33
N HIS B 62 -12.75 -13.56 21.73
CA HIS B 62 -14.08 -13.39 22.31
C HIS B 62 -15.11 -13.66 21.22
N ILE B 63 -15.19 -14.92 20.81
CA ILE B 63 -15.95 -15.29 19.63
C ILE B 63 -17.40 -15.65 19.94
N ASN B 64 -18.30 -15.04 19.20
CA ASN B 64 -19.73 -15.37 19.25
C ASN B 64 -20.17 -15.84 17.86
N TYR B 65 -20.33 -17.16 17.68
CA TYR B 65 -20.56 -17.73 16.33
C TYR B 65 -21.76 -17.14 15.64
N GLU B 66 -22.82 -16.89 16.42
CA GLU B 66 -24.03 -16.31 15.86
C GLU B 66 -23.77 -14.87 15.43
N GLU B 67 -22.94 -14.16 16.21
CA GLU B 67 -22.60 -12.79 15.85
C GLU B 67 -21.80 -12.73 14.56
N ILE B 68 -20.86 -13.65 14.37
CA ILE B 68 -20.07 -13.69 13.15
C ILE B 68 -21.02 -13.83 11.95
N ASN B 69 -21.93 -14.79 12.05
CA ASN B 69 -22.84 -15.06 10.94
C ASN B 69 -23.74 -13.87 10.63
N LEU B 70 -24.14 -13.12 11.65
CA LEU B 70 -24.89 -11.89 11.40
C LEU B 70 -24.02 -10.81 10.74
N ASN B 71 -22.76 -10.69 11.17
CA ASN B 71 -21.84 -9.70 10.57
C ASN B 71 -21.56 -9.99 9.08
N ARG B 72 -21.64 -11.25 8.69
CA ARG B 72 -21.39 -11.63 7.30
C ARG B 72 -22.33 -10.91 6.35
N TYR B 73 -23.52 -10.53 6.81
CA TYR B 73 -24.48 -9.90 5.95
C TYR B 73 -24.00 -8.54 5.42
N VAL B 74 -23.18 -7.85 6.21
CA VAL B 74 -22.63 -6.57 5.76
C VAL B 74 -21.65 -6.81 4.61
N ASP B 75 -20.80 -7.81 4.78
CA ASP B 75 -19.91 -8.26 3.72
C ASP B 75 -20.75 -8.62 2.48
N TRP B 76 -21.71 -9.54 2.65
CA TRP B 76 -22.55 -9.98 1.52
C TRP B 76 -23.24 -8.82 0.80
N ALA B 77 -23.72 -7.85 1.58
CA ALA B 77 -24.46 -6.70 1.02
C ALA B 77 -23.58 -5.90 0.07
N ILE B 78 -22.27 -5.96 0.28
CA ILE B 78 -21.35 -5.26 -0.57
C ILE B 78 -20.80 -6.14 -1.67
N THR B 79 -20.42 -7.38 -1.34
CA THR B 79 -19.75 -8.22 -2.31
C THR B 79 -20.70 -8.84 -3.34
N THR B 80 -21.89 -9.25 -2.93
CA THR B 80 -22.81 -9.87 -3.89
C THR B 80 -23.16 -9.02 -5.12
N PRO B 81 -23.44 -7.71 -4.94
CA PRO B 81 -23.73 -6.92 -6.15
C PRO B 81 -22.52 -6.83 -7.07
N ILE B 82 -21.34 -6.75 -6.50
CA ILE B 82 -20.13 -6.68 -7.32
C ILE B 82 -19.92 -8.00 -8.05
N MET B 83 -20.14 -9.11 -7.36
CA MET B 83 -19.98 -10.44 -7.96
C MET B 83 -20.97 -10.64 -9.10
N LEU B 84 -22.19 -10.14 -8.92
CA LEU B 84 -23.24 -10.27 -9.93
C LEU B 84 -22.94 -9.38 -11.12
N LEU B 85 -22.39 -8.20 -10.87
CA LEU B 85 -22.01 -7.31 -11.95
C LEU B 85 -20.90 -7.96 -12.78
N VAL B 86 -19.90 -8.53 -12.10
CA VAL B 86 -18.84 -9.27 -12.78
C VAL B 86 -19.44 -10.39 -13.64
N LEU B 87 -20.37 -11.16 -13.08
CA LEU B 87 -20.98 -12.27 -13.80
C LEU B 87 -21.61 -11.82 -15.13
N VAL B 88 -22.48 -10.81 -15.08
CA VAL B 88 -23.18 -10.40 -16.29
C VAL B 88 -22.24 -9.71 -17.28
N LEU B 89 -21.23 -9.01 -16.79
CA LEU B 89 -20.26 -8.41 -17.70
C LEU B 89 -19.46 -9.50 -18.38
N ALA B 90 -19.12 -10.54 -17.61
CA ALA B 90 -18.40 -11.68 -18.16
C ALA B 90 -19.18 -12.37 -19.28
N PHE B 91 -20.50 -12.52 -19.08
CA PHE B 91 -21.35 -13.12 -20.10
C PHE B 91 -21.17 -12.37 -21.40
N ARG B 92 -21.26 -11.05 -21.34
CA ARG B 92 -21.20 -10.21 -22.52
C ARG B 92 -19.80 -10.23 -23.14
N VAL B 93 -18.78 -10.19 -22.29
CA VAL B 93 -17.41 -10.21 -22.80
C VAL B 93 -17.20 -11.50 -23.61
N ASN B 94 -17.73 -12.61 -23.10
CA ASN B 94 -17.54 -13.91 -23.72
C ASN B 94 -18.20 -14.00 -25.10
N GLN B 95 -19.13 -13.10 -25.37
CA GLN B 95 -19.82 -13.09 -26.65
C GLN B 95 -19.41 -11.95 -27.58
N THR B 96 -19.32 -10.72 -27.06
CA THR B 96 -18.98 -9.54 -27.89
C THR B 96 -17.61 -8.94 -27.59
N ASN B 97 -16.96 -9.43 -26.55
CA ASN B 97 -15.74 -8.83 -26.00
C ASN B 97 -15.95 -7.39 -25.51
N LYS B 98 -17.17 -7.08 -25.10
CA LYS B 98 -17.46 -5.77 -24.51
C LYS B 98 -18.17 -5.93 -23.17
N ALA B 99 -17.63 -5.32 -22.13
CA ALA B 99 -18.24 -5.39 -20.80
C ALA B 99 -19.34 -4.35 -20.65
N MET B 100 -20.56 -4.75 -20.98
CA MET B 100 -21.73 -3.88 -20.82
C MET B 100 -22.94 -4.67 -20.37
N VAL B 101 -23.83 -4.00 -19.66
CA VAL B 101 -25.14 -4.56 -19.32
C VAL B 101 -26.14 -3.43 -19.24
N LYS B 102 -27.42 -3.73 -19.45
CA LYS B 102 -28.47 -2.74 -19.28
C LYS B 102 -28.61 -2.43 -17.78
N PHE B 103 -28.67 -1.15 -17.45
CA PHE B 103 -28.80 -0.74 -16.06
C PHE B 103 -30.07 -1.32 -15.46
N SER B 104 -31.16 -1.27 -16.23
CA SER B 104 -32.45 -1.76 -15.77
C SER B 104 -32.39 -3.24 -15.43
N ASP B 105 -31.72 -4.02 -16.28
CA ASP B 105 -31.50 -5.44 -16.02
C ASP B 105 -30.71 -5.67 -14.73
N PHE B 106 -29.69 -4.86 -14.50
CA PHE B 106 -28.86 -5.03 -13.33
C PHE B 106 -29.62 -4.61 -12.07
N MET B 107 -30.45 -3.58 -12.18
CA MET B 107 -31.29 -3.20 -11.05
C MET B 107 -32.28 -4.30 -10.67
N ILE B 108 -32.80 -5.01 -11.66
CA ILE B 108 -33.68 -6.15 -11.37
C ILE B 108 -32.90 -7.24 -10.67
N ILE B 109 -31.71 -7.55 -11.19
CA ILE B 109 -30.82 -8.49 -10.54
C ILE B 109 -30.58 -8.11 -9.07
N LEU B 110 -30.30 -6.83 -8.83
CA LEU B 110 -30.03 -6.38 -7.46
C LEU B 110 -31.28 -6.45 -6.58
N GLY B 111 -32.43 -6.07 -7.11
CA GLY B 111 -33.70 -6.27 -6.42
C GLY B 111 -33.88 -7.67 -5.86
N MET B 112 -33.70 -8.69 -6.72
CA MET B 112 -33.79 -10.09 -6.31
C MET B 112 -32.70 -10.44 -5.31
N ASN B 113 -31.47 -10.03 -5.61
CA ASN B 113 -30.36 -10.30 -4.69
C ASN B 113 -30.66 -9.77 -3.29
N TYR B 114 -31.16 -8.54 -3.19
CA TYR B 114 -31.39 -7.97 -1.87
C TYR B 114 -32.64 -8.51 -1.19
N GLY B 115 -33.66 -8.86 -1.96
CA GLY B 115 -34.79 -9.61 -1.41
C GLY B 115 -34.30 -10.89 -0.76
N MET B 116 -33.45 -11.61 -1.47
CA MET B 116 -32.86 -12.84 -0.95
C MET B 116 -32.08 -12.62 0.35
N LEU B 117 -31.12 -11.70 0.34
CA LEU B 117 -30.30 -11.43 1.53
C LEU B 117 -31.13 -10.87 2.68
N GLY B 118 -32.00 -9.92 2.35
CA GLY B 118 -32.86 -9.28 3.33
C GLY B 118 -33.75 -10.25 4.09
N THR B 119 -34.42 -11.14 3.36
CA THR B 119 -35.33 -12.08 4.01
C THR B 119 -34.56 -13.09 4.83
N GLY B 120 -33.38 -13.48 4.35
CA GLY B 120 -32.53 -14.38 5.14
C GLY B 120 -32.16 -13.72 6.46
N TYR B 121 -31.80 -12.44 6.38
CA TYR B 121 -31.40 -11.68 7.57
C TYR B 121 -32.56 -11.58 8.56
N LEU B 122 -33.73 -11.22 8.04
CA LEU B 122 -34.92 -11.09 8.90
C LEU B 122 -35.20 -12.40 9.63
N GLY B 123 -34.95 -13.51 8.95
CA GLY B 123 -35.07 -14.82 9.58
C GLY B 123 -34.03 -15.05 10.66
N ASP B 124 -32.80 -14.61 10.41
CA ASP B 124 -31.72 -14.81 11.39
C ASP B 124 -31.96 -14.05 12.69
N ILE B 125 -32.55 -12.85 12.61
CA ILE B 125 -32.76 -12.04 13.82
C ILE B 125 -34.17 -12.17 14.39
N GLY B 126 -34.96 -13.08 13.85
CA GLY B 126 -36.25 -13.42 14.45
C GLY B 126 -37.43 -12.52 14.13
N VAL B 127 -37.25 -11.54 13.24
CA VAL B 127 -38.38 -10.72 12.80
C VAL B 127 -39.39 -11.58 12.06
N ILE B 128 -38.89 -12.55 11.29
CA ILE B 128 -39.71 -13.62 10.76
C ILE B 128 -39.07 -14.92 11.18
N HIS B 129 -39.80 -16.01 11.04
CA HIS B 129 -39.29 -17.32 11.38
C HIS B 129 -38.25 -17.75 10.36
N LYS B 130 -37.27 -18.52 10.82
CA LYS B 130 -36.19 -19.03 10.00
C LYS B 130 -36.74 -19.73 8.75
N THR B 131 -37.71 -20.63 8.96
CA THR B 131 -38.31 -21.38 7.87
C THR B 131 -38.86 -20.46 6.78
N MET B 132 -39.54 -19.40 7.20
CA MET B 132 -40.07 -18.40 6.26
C MET B 132 -38.92 -17.64 5.58
N GLY B 133 -37.81 -17.51 6.31
CA GLY B 133 -36.63 -16.88 5.74
C GLY B 133 -36.08 -17.76 4.63
N THR B 134 -36.08 -19.06 4.86
CA THR B 134 -35.57 -20.01 3.90
C THR B 134 -36.40 -20.03 2.63
N VAL B 135 -37.72 -20.04 2.80
CA VAL B 135 -38.63 -20.13 1.67
C VAL B 135 -38.62 -18.86 0.82
N LEU B 136 -38.75 -17.71 1.45
CA LEU B 136 -38.67 -16.45 0.71
C LEU B 136 -37.29 -16.30 0.09
N GLY B 137 -36.25 -16.58 0.89
CA GLY B 137 -34.89 -16.47 0.40
C GLY B 137 -34.71 -17.23 -0.90
N PHE B 138 -35.13 -18.48 -0.90
CA PHE B 138 -34.97 -19.33 -2.08
C PHE B 138 -35.83 -18.88 -3.25
N LEU B 139 -37.01 -18.34 -2.99
CA LEU B 139 -37.80 -17.78 -4.07
C LEU B 139 -37.08 -16.60 -4.72
N PHE B 140 -36.53 -15.69 -3.91
CA PHE B 140 -35.76 -14.58 -4.47
C PHE B 140 -34.55 -15.11 -5.22
N PHE B 141 -33.91 -16.14 -4.66
CA PHE B 141 -32.77 -16.79 -5.32
C PHE B 141 -33.19 -17.24 -6.73
N GLY B 142 -34.34 -17.89 -6.84
CA GLY B 142 -34.86 -18.34 -8.13
C GLY B 142 -35.11 -17.21 -9.11
N GLY B 143 -35.71 -16.13 -8.63
CA GLY B 143 -35.93 -14.96 -9.46
C GLY B 143 -34.61 -14.41 -9.96
N LEU B 144 -33.63 -14.32 -9.06
CA LEU B 144 -32.31 -13.83 -9.40
C LEU B 144 -31.70 -14.69 -10.51
N PHE B 145 -31.68 -16.01 -10.31
CA PHE B 145 -31.03 -16.88 -11.26
C PHE B 145 -31.84 -17.11 -12.53
N TYR B 146 -33.14 -16.86 -12.47
CA TYR B 146 -33.96 -16.79 -13.67
C TYR B 146 -33.52 -15.63 -14.53
N LYS B 147 -33.45 -14.45 -13.93
CA LYS B 147 -33.05 -13.26 -14.65
C LYS B 147 -31.62 -13.41 -15.19
N LEU B 148 -30.73 -13.89 -14.33
CA LEU B 148 -29.35 -14.11 -14.76
C LEU B 148 -29.32 -14.96 -16.03
N ASN B 149 -30.09 -16.05 -16.02
CA ASN B 149 -30.11 -16.97 -17.14
C ASN B 149 -30.57 -16.33 -18.45
N THR B 150 -31.42 -15.30 -18.35
CA THR B 150 -31.91 -14.63 -19.55
C THR B 150 -30.82 -13.79 -20.21
N LEU B 151 -29.81 -13.38 -19.45
CA LEU B 151 -28.73 -12.56 -19.99
C LEU B 151 -27.57 -13.44 -20.45
N ARG B 152 -27.70 -14.74 -20.23
CA ARG B 152 -26.65 -15.67 -20.53
C ARG B 152 -26.71 -16.21 -21.96
N THR B 153 -25.62 -16.06 -22.71
CA THR B 153 -25.45 -16.69 -24.00
C THR B 153 -24.80 -18.05 -23.80
N SER B 154 -25.23 -19.07 -24.54
CA SER B 154 -24.63 -20.39 -24.42
C SER B 154 -23.19 -20.32 -24.89
N ASN B 155 -22.31 -21.01 -24.16
CA ASN B 155 -20.89 -20.78 -24.26
C ASN B 155 -20.23 -21.62 -23.18
N ALA B 156 -19.03 -22.14 -23.44
CA ALA B 156 -18.38 -23.00 -22.46
C ALA B 156 -18.14 -22.25 -21.14
N SER B 157 -17.56 -21.05 -21.23
CA SER B 157 -17.27 -20.27 -20.04
C SER B 157 -18.57 -19.78 -19.37
N ASN B 158 -19.48 -19.21 -20.15
CA ASN B 158 -20.74 -18.76 -19.58
C ASN B 158 -21.47 -19.87 -18.80
N ASP B 159 -21.48 -21.08 -19.36
CA ASP B 159 -22.20 -22.20 -18.74
C ASP B 159 -21.56 -22.65 -17.44
N LEU B 160 -20.23 -22.72 -17.43
CA LEU B 160 -19.50 -23.10 -16.23
C LEU B 160 -19.74 -22.04 -15.16
N LEU B 161 -19.62 -20.78 -15.54
CA LEU B 161 -19.85 -19.66 -14.63
C LEU B 161 -21.26 -19.68 -14.08
N TYR B 162 -22.26 -19.71 -14.96
CA TYR B 162 -23.64 -19.73 -14.48
C TYR B 162 -23.87 -20.89 -13.52
N GLY B 163 -23.35 -22.08 -13.86
CA GLY B 163 -23.57 -23.26 -13.04
C GLY B 163 -22.85 -23.22 -11.72
N ALA B 164 -21.64 -22.67 -11.72
CA ALA B 164 -20.85 -22.56 -10.51
C ALA B 164 -21.55 -21.61 -9.57
N PHE B 165 -22.01 -20.49 -10.10
CA PHE B 165 -22.72 -19.51 -9.28
C PHE B 165 -24.01 -20.11 -8.73
N PHE B 166 -24.76 -20.79 -9.60
CA PHE B 166 -26.06 -21.35 -9.18
C PHE B 166 -25.89 -22.29 -8.01
N VAL B 167 -24.96 -23.22 -8.15
CA VAL B 167 -24.70 -24.22 -7.11
C VAL B 167 -24.16 -23.59 -5.84
N LEU B 168 -23.06 -22.85 -5.96
CA LEU B 168 -22.39 -22.28 -4.80
C LEU B 168 -23.36 -21.38 -4.03
N TRP B 169 -24.09 -20.53 -4.73
CA TRP B 169 -25.00 -19.61 -4.08
C TRP B 169 -26.15 -20.35 -3.41
N ALA B 170 -26.66 -21.39 -4.07
CA ALA B 170 -27.69 -22.22 -3.48
C ALA B 170 -27.20 -22.81 -2.15
N LEU B 171 -25.93 -23.19 -2.10
CA LEU B 171 -25.39 -23.80 -0.88
C LEU B 171 -25.38 -22.86 0.34
N TYR B 172 -25.33 -21.54 0.12
CA TYR B 172 -25.44 -20.62 1.24
C TYR B 172 -26.80 -20.84 1.91
N GLY B 173 -27.84 -21.00 1.09
CA GLY B 173 -29.18 -21.26 1.59
C GLY B 173 -29.33 -22.58 2.32
N VAL B 174 -28.52 -23.56 1.95
CA VAL B 174 -28.48 -24.86 2.63
C VAL B 174 -27.80 -24.74 4.00
N PHE B 175 -26.66 -24.06 4.05
CA PHE B 175 -25.93 -23.94 5.33
C PHE B 175 -26.63 -22.99 6.32
N TYR B 176 -27.43 -22.08 5.80
CA TYR B 176 -28.30 -21.24 6.62
C TYR B 176 -29.09 -22.07 7.65
N GLN B 177 -29.41 -23.32 7.28
CA GLN B 177 -30.21 -24.24 8.10
C GLN B 177 -29.42 -24.87 9.25
N MET B 178 -28.11 -24.85 9.15
CA MET B 178 -27.27 -25.57 10.09
C MET B 178 -27.12 -24.80 11.38
N GLU B 179 -26.63 -25.50 12.40
CA GLU B 179 -26.27 -24.90 13.67
C GLU B 179 -25.11 -23.93 13.41
N GLN B 180 -24.88 -23.00 14.34
CA GLN B 180 -23.99 -21.86 14.05
C GLN B 180 -22.56 -22.28 13.70
N LEU B 181 -22.03 -23.29 14.38
CA LEU B 181 -20.65 -23.71 14.16
C LEU B 181 -20.41 -24.25 12.74
N PRO B 182 -21.13 -25.32 12.35
CA PRO B 182 -20.94 -25.85 10.99
C PRO B 182 -21.33 -24.83 9.92
N ARG B 183 -22.29 -23.97 10.26
CA ARG B 183 -22.70 -22.92 9.34
C ARG B 183 -21.52 -21.96 9.05
N ASN B 184 -20.78 -21.59 10.08
CA ASN B 184 -19.60 -20.74 9.90
C ASN B 184 -18.56 -21.44 9.05
N VAL B 185 -18.27 -22.69 9.35
CA VAL B 185 -17.25 -23.42 8.60
C VAL B 185 -17.67 -23.54 7.13
N GLY B 186 -18.95 -23.81 6.90
CA GLY B 186 -19.45 -23.94 5.56
C GLY B 186 -19.35 -22.65 4.78
N TYR B 187 -19.71 -21.54 5.42
CA TYR B 187 -19.60 -20.22 4.80
C TYR B 187 -18.15 -19.88 4.48
N ASN B 188 -17.24 -20.23 5.39
CA ASN B 188 -15.83 -19.97 5.16
C ASN B 188 -15.36 -20.71 3.90
N VAL B 189 -15.80 -21.95 3.72
CA VAL B 189 -15.39 -22.73 2.56
C VAL B 189 -16.12 -22.27 1.30
N LEU B 190 -17.41 -21.98 1.41
CA LEU B 190 -18.14 -21.44 0.28
C LEU B 190 -17.48 -20.13 -0.21
N ASP B 191 -17.11 -19.26 0.71
CA ASP B 191 -16.46 -18.01 0.33
C ASP B 191 -15.16 -18.32 -0.41
N LEU B 192 -14.42 -19.32 0.06
CA LEU B 192 -13.22 -19.74 -0.64
C LEU B 192 -13.51 -20.05 -2.11
N PHE B 193 -14.61 -20.75 -2.36
CA PHE B 193 -14.97 -21.13 -3.73
C PHE B 193 -15.61 -19.98 -4.51
N SER B 194 -16.60 -19.33 -3.92
CA SER B 194 -17.40 -18.33 -4.64
C SER B 194 -16.65 -17.04 -4.91
N LYS B 195 -15.62 -16.74 -4.12
CA LYS B 195 -14.90 -15.48 -4.30
C LYS B 195 -13.49 -15.80 -4.82
N CYS B 196 -12.76 -16.61 -4.09
CA CYS B 196 -11.35 -16.84 -4.42
C CYS B 196 -11.19 -17.68 -5.68
N PHE B 197 -11.78 -18.87 -5.71
CA PHE B 197 -11.59 -19.76 -6.86
C PHE B 197 -12.20 -19.18 -8.11
N VAL B 198 -13.35 -18.53 -7.98
CA VAL B 198 -13.94 -17.81 -9.10
C VAL B 198 -13.01 -16.68 -9.58
N GLY B 199 -12.45 -15.94 -8.63
CA GLY B 199 -11.53 -14.86 -8.99
C GLY B 199 -10.31 -15.36 -9.72
N ILE B 200 -9.74 -16.46 -9.24
CA ILE B 200 -8.57 -17.04 -9.87
C ILE B 200 -8.94 -17.60 -11.25
N TYR B 201 -10.17 -18.10 -11.38
CA TYR B 201 -10.66 -18.54 -12.67
C TYR B 201 -10.65 -17.40 -13.67
N PHE B 202 -11.27 -16.28 -13.33
CA PHE B 202 -11.24 -15.13 -14.23
C PHE B 202 -9.82 -14.75 -14.66
N TRP B 203 -8.92 -14.61 -13.70
CA TRP B 203 -7.54 -14.30 -14.02
C TRP B 203 -6.97 -15.32 -15.02
N ALA B 204 -7.08 -16.59 -14.65
CA ALA B 204 -6.49 -17.66 -15.43
C ALA B 204 -7.11 -17.74 -16.82
N PHE B 205 -8.43 -17.54 -16.87
CA PHE B 205 -9.18 -17.61 -18.11
C PHE B 205 -8.71 -16.52 -19.08
N TYR B 206 -8.68 -15.27 -18.63
CA TYR B 206 -8.28 -14.18 -19.49
C TYR B 206 -6.77 -14.18 -19.77
N ALA B 207 -5.97 -14.71 -18.85
CA ALA B 207 -4.53 -14.83 -19.07
C ALA B 207 -4.18 -16.04 -19.97
N LYS B 208 -5.15 -16.91 -20.21
CA LYS B 208 -4.98 -18.10 -21.05
C LYS B 208 -3.87 -19.03 -20.59
N ILE B 209 -3.72 -19.20 -19.27
CA ILE B 209 -2.64 -20.04 -18.77
C ILE B 209 -2.98 -21.54 -18.81
N PHE B 210 -4.26 -21.89 -18.98
CA PHE B 210 -4.66 -23.30 -19.03
C PHE B 210 -5.16 -23.71 -20.41
N THR B 211 -4.64 -24.85 -20.90
CA THR B 211 -5.11 -25.46 -22.14
C THR B 211 -6.24 -26.44 -21.85
N ASP C 3 -26.99 -1.40 17.51
CA ASP C 3 -26.78 -2.56 16.61
C ASP C 3 -26.61 -2.07 15.18
N LEU C 4 -27.71 -2.02 14.42
CA LEU C 4 -27.63 -1.58 13.03
C LEU C 4 -27.06 -0.16 12.91
N ILE C 5 -26.85 0.52 14.03
CA ILE C 5 -26.07 1.75 14.01
C ILE C 5 -24.59 1.40 13.81
N GLU C 6 -24.12 0.34 14.43
CA GLU C 6 -22.76 -0.13 14.24
C GLU C 6 -22.58 -0.73 12.84
N TYR C 7 -23.58 -1.48 12.40
CA TYR C 7 -23.56 -2.06 11.06
C TYR C 7 -23.52 -0.96 10.02
N SER C 8 -24.22 0.15 10.24
CA SER C 8 -24.23 1.22 9.25
C SER C 8 -22.83 1.82 9.08
N PHE C 9 -22.07 1.85 10.17
CA PHE C 9 -20.69 2.35 10.11
C PHE C 9 -19.86 1.41 9.26
N TYR C 10 -20.04 0.10 9.47
CA TYR C 10 -19.24 -0.87 8.72
C TYR C 10 -19.62 -0.92 7.25
N LEU C 11 -20.90 -0.77 6.96
CA LEU C 11 -21.37 -0.78 5.59
C LEU C 11 -20.73 0.35 4.80
N THR C 12 -20.74 1.55 5.37
CA THR C 12 -20.18 2.70 4.67
C THR C 12 -18.66 2.58 4.57
N TYR C 13 -18.04 2.16 5.66
CA TYR C 13 -16.58 1.99 5.69
C TYR C 13 -16.14 1.03 4.58
N ALA C 14 -16.78 -0.12 4.51
CA ALA C 14 -16.44 -1.15 3.53
C ALA C 14 -16.75 -0.72 2.10
N PHE C 15 -17.85 0.02 1.90
CA PHE C 15 -18.15 0.54 0.57
C PHE C 15 -17.14 1.61 0.15
N LEU C 16 -16.62 2.38 1.09
CA LEU C 16 -15.59 3.36 0.79
C LEU C 16 -14.32 2.67 0.28
N MET C 17 -14.01 1.51 0.87
CA MET C 17 -12.87 0.71 0.41
CA MET C 17 -12.87 0.71 0.42
C MET C 17 -13.07 0.24 -1.03
N THR C 18 -14.30 -0.12 -1.36
CA THR C 18 -14.65 -0.59 -2.70
C THR C 18 -14.52 0.54 -3.70
N THR C 19 -15.13 1.66 -3.37
CA THR C 19 -15.16 2.79 -4.25
C THR C 19 -13.75 3.28 -4.49
N GLY C 20 -12.96 3.35 -3.43
CA GLY C 20 -11.56 3.78 -3.53
C GLY C 20 -10.71 2.88 -4.41
N THR C 21 -10.94 1.58 -4.31
CA THR C 21 -10.18 0.61 -5.09
C THR C 21 -10.53 0.74 -6.56
N ILE C 22 -11.82 0.89 -6.84
CA ILE C 22 -12.29 0.88 -8.20
C ILE C 22 -11.84 2.13 -8.95
N THR C 23 -11.91 3.28 -8.31
CA THR C 23 -11.46 4.52 -8.94
C THR C 23 -9.92 4.59 -9.05
N PHE C 24 -9.23 4.00 -8.10
CA PHE C 24 -7.74 3.97 -8.10
C PHE C 24 -7.24 3.21 -9.34
N ILE C 25 -7.73 1.99 -9.51
CA ILE C 25 -7.28 1.16 -10.60
C ILE C 25 -7.59 1.80 -11.96
N GLU C 26 -8.80 2.34 -12.10
CA GLU C 26 -9.15 2.95 -13.36
C GLU C 26 -8.41 4.26 -13.59
N ALA C 27 -8.20 5.06 -12.55
CA ALA C 27 -7.40 6.27 -12.69
C ALA C 27 -6.02 5.94 -13.25
N LEU C 28 -5.51 4.76 -12.88
CA LEU C 28 -4.16 4.38 -13.26
C LEU C 28 -4.11 3.78 -14.66
N ARG C 29 -5.27 3.53 -15.26
CA ARG C 29 -5.28 2.86 -16.55
C ARG C 29 -6.03 3.62 -17.65
N THR C 30 -6.91 4.54 -17.28
CA THR C 30 -7.65 5.23 -18.32
C THR C 30 -6.70 5.98 -19.26
N LYS C 31 -7.05 6.02 -20.53
CA LYS C 31 -6.26 6.74 -21.51
C LYS C 31 -6.73 8.18 -21.64
N ASN C 32 -7.83 8.51 -20.96
CA ASN C 32 -8.35 9.86 -20.99
C ASN C 32 -7.90 10.65 -19.76
N GLU C 33 -7.06 11.67 -19.97
CA GLU C 33 -6.44 12.38 -18.86
C GLU C 33 -7.44 13.10 -17.98
N SER C 34 -8.50 13.62 -18.58
CA SER C 34 -9.54 14.31 -17.81
C SER C 34 -10.27 13.35 -16.89
N VAL C 35 -10.53 12.16 -17.40
CA VAL C 35 -11.17 11.12 -16.59
C VAL C 35 -10.21 10.70 -15.47
N ARG C 36 -8.92 10.58 -15.77
CA ARG C 36 -7.97 10.31 -14.72
C ARG C 36 -8.05 11.35 -13.57
N HIS C 37 -8.10 12.63 -13.90
CA HIS C 37 -8.09 13.64 -12.85
C HIS C 37 -9.30 13.50 -11.96
N ILE C 38 -10.45 13.25 -12.57
CA ILE C 38 -11.69 13.07 -11.83
C ILE C 38 -11.65 11.82 -10.95
N LEU C 39 -11.18 10.71 -11.50
CA LEU C 39 -11.11 9.48 -10.71
C LEU C 39 -10.03 9.53 -9.63
N ASN C 40 -8.95 10.27 -9.90
CA ASN C 40 -7.93 10.55 -8.90
C ASN C 40 -8.53 11.26 -7.68
N LEU C 41 -9.21 12.37 -7.94
CA LEU C 41 -9.93 13.09 -6.88
C LEU C 41 -10.93 12.19 -6.16
N GLU C 42 -11.70 11.40 -6.91
CA GLU C 42 -12.64 10.46 -6.30
C GLU C 42 -11.94 9.45 -5.38
N THR C 43 -10.78 8.95 -5.80
CA THR C 43 -10.02 8.07 -4.92
C THR C 43 -9.67 8.76 -3.58
N CYS C 44 -9.27 10.02 -3.63
CA CYS C 44 -8.92 10.79 -2.44
C CYS C 44 -10.10 10.89 -1.50
N ILE C 45 -11.27 11.14 -2.06
CA ILE C 45 -12.48 11.23 -1.25
C ILE C 45 -12.69 9.95 -0.45
N SER C 46 -12.55 8.81 -1.10
CA SER C 46 -12.70 7.53 -0.44
C SER C 46 -11.61 7.28 0.61
N VAL C 47 -10.38 7.64 0.27
CA VAL C 47 -9.28 7.50 1.20
C VAL C 47 -9.53 8.27 2.50
N VAL C 48 -9.92 9.53 2.37
CA VAL C 48 -10.14 10.39 3.54
C VAL C 48 -11.32 9.94 4.39
N ALA C 49 -12.45 9.71 3.73
CA ALA C 49 -13.64 9.28 4.45
C ALA C 49 -13.40 7.92 5.14
N ALA C 50 -12.74 6.99 4.44
CA ALA C 50 -12.40 5.68 5.06
C ALA C 50 -11.59 5.83 6.33
N PHE C 51 -10.63 6.76 6.30
CA PHE C 51 -9.83 7.04 7.47
C PHE C 51 -10.71 7.48 8.64
N PHE C 52 -11.58 8.45 8.42
CA PHE C 52 -12.44 8.89 9.51
C PHE C 52 -13.40 7.79 9.97
N TYR C 53 -13.94 7.00 9.05
CA TYR C 53 -14.78 5.88 9.47
C TYR C 53 -14.01 4.83 10.29
N SER C 54 -12.76 4.52 9.93
CA SER C 54 -11.99 3.57 10.75
C SER C 54 -11.85 4.13 12.16
N ASN C 55 -11.68 5.44 12.25
CA ASN C 55 -11.59 6.09 13.56
C ASN C 55 -12.89 6.03 14.34
N PHE C 56 -14.01 6.37 13.70
CA PHE C 56 -15.29 6.28 14.37
C PHE C 56 -15.50 4.87 14.88
N ILE C 57 -15.19 3.88 14.05
CA ILE C 57 -15.43 2.48 14.41
C ILE C 57 -14.56 2.08 15.60
N GLY C 58 -13.30 2.50 15.59
CA GLY C 58 -12.40 2.22 16.70
C GLY C 58 -12.89 2.77 18.04
N LYS C 59 -13.84 3.69 17.98
CA LYS C 59 -14.28 4.42 19.16
C LYS C 59 -15.67 4.06 19.67
N LEU C 60 -16.42 3.23 18.94
CA LEU C 60 -17.83 3.01 19.25
C LEU C 60 -18.12 2.68 20.72
N GLU C 61 -17.17 2.06 21.41
CA GLU C 61 -17.32 1.85 22.85
C GLU C 61 -17.06 3.15 23.61
N HIS C 62 -15.90 3.75 23.36
CA HIS C 62 -15.34 4.81 24.19
C HIS C 62 -15.94 6.22 24.02
N ILE C 63 -16.90 6.42 23.12
CA ILE C 63 -17.27 7.80 22.78
C ILE C 63 -18.78 7.99 22.56
N ASN C 64 -19.27 9.20 22.83
CA ASN C 64 -20.68 9.44 22.67
C ASN C 64 -21.03 9.88 21.26
N TYR C 65 -22.29 9.75 20.91
CA TYR C 65 -22.75 9.96 19.55
C TYR C 65 -22.71 11.41 19.12
N GLU C 66 -22.82 12.33 20.08
CA GLU C 66 -22.63 13.74 19.73
C GLU C 66 -21.20 13.98 19.28
N GLU C 67 -20.24 13.45 20.04
CA GLU C 67 -18.84 13.63 19.70
C GLU C 67 -18.52 13.08 18.31
N ILE C 68 -19.11 11.94 17.94
CA ILE C 68 -18.85 11.41 16.61
C ILE C 68 -19.34 12.37 15.53
N ASN C 69 -20.53 12.91 15.74
CA ASN C 69 -21.10 13.84 14.77
C ASN C 69 -20.27 15.12 14.64
N LEU C 70 -19.77 15.63 15.76
CA LEU C 70 -18.92 16.83 15.69
C LEU C 70 -17.64 16.49 14.93
N ASN C 71 -17.09 15.31 15.18
CA ASN C 71 -15.87 14.89 14.49
C ASN C 71 -16.04 14.79 12.98
N ARG C 72 -17.26 14.48 12.51
CA ARG C 72 -17.54 14.37 11.08
C ARG C 72 -17.22 15.66 10.35
N TYR C 73 -17.36 16.80 11.03
CA TYR C 73 -17.07 18.08 10.39
C TYR C 73 -15.64 18.14 9.85
N VAL C 74 -14.71 17.42 10.48
CA VAL C 74 -13.32 17.43 10.01
C VAL C 74 -13.24 16.67 8.70
N ASP C 75 -13.93 15.53 8.62
CA ASP C 75 -14.07 14.76 7.37
C ASP C 75 -14.70 15.66 6.31
N TRP C 76 -15.84 16.27 6.64
CA TRP C 76 -16.54 17.14 5.71
C TRP C 76 -15.68 18.29 5.18
N ALA C 77 -14.90 18.93 6.05
CA ALA C 77 -14.04 20.05 5.65
C ALA C 77 -13.05 19.66 4.56
N ILE C 78 -12.73 18.37 4.49
CA ILE C 78 -11.76 17.86 3.51
C ILE C 78 -12.45 17.26 2.28
N THR C 79 -13.48 16.46 2.51
CA THR C 79 -14.12 15.76 1.41
C THR C 79 -15.01 16.69 0.57
N THR C 80 -15.74 17.60 1.22
CA THR C 80 -16.68 18.43 0.45
C THR C 80 -16.02 19.27 -0.65
N PRO C 81 -14.88 19.92 -0.38
CA PRO C 81 -14.26 20.68 -1.48
C PRO C 81 -13.79 19.80 -2.64
N ILE C 82 -13.35 18.58 -2.35
CA ILE C 82 -12.89 17.66 -3.39
C ILE C 82 -14.10 17.18 -4.19
N MET C 83 -15.18 16.85 -3.48
CA MET C 83 -16.41 16.44 -4.13
C MET C 83 -16.93 17.54 -5.05
N LEU C 84 -16.86 18.78 -4.61
CA LEU C 84 -17.35 19.91 -5.41
C LEU C 84 -16.45 20.13 -6.63
N LEU C 85 -15.14 19.95 -6.44
CA LEU C 85 -14.23 20.08 -7.55
C LEU C 85 -14.53 19.02 -8.60
N VAL C 86 -14.73 17.78 -8.17
CA VAL C 86 -15.10 16.71 -9.09
C VAL C 86 -16.36 17.06 -9.85
N LEU C 87 -17.36 17.56 -9.14
CA LEU C 87 -18.65 17.89 -9.77
C LEU C 87 -18.48 18.92 -10.90
N VAL C 88 -17.76 20.02 -10.64
CA VAL C 88 -17.61 21.06 -11.68
C VAL C 88 -16.69 20.61 -12.82
N LEU C 89 -15.69 19.81 -12.52
CA LEU C 89 -14.86 19.22 -13.56
C LEU C 89 -15.65 18.24 -14.41
N ALA C 90 -16.52 17.46 -13.78
CA ALA C 90 -17.40 16.57 -14.52
C ALA C 90 -18.34 17.35 -15.47
N PHE C 91 -18.90 18.47 -15.00
CA PHE C 91 -19.74 19.31 -15.84
C PHE C 91 -18.93 19.70 -17.06
N ARG C 92 -17.70 20.12 -16.80
CA ARG C 92 -16.83 20.64 -17.83
C ARG C 92 -16.45 19.57 -18.85
N VAL C 93 -16.21 18.36 -18.36
CA VAL C 93 -15.90 17.24 -19.22
C VAL C 93 -17.06 16.94 -20.15
N ASN C 94 -18.28 17.03 -19.63
CA ASN C 94 -19.45 16.81 -20.46
C ASN C 94 -19.56 17.93 -21.50
N GLN C 95 -19.28 19.17 -21.11
CA GLN C 95 -19.46 20.33 -21.99
C GLN C 95 -18.30 20.61 -22.97
N THR C 96 -17.09 20.14 -22.66
CA THR C 96 -15.92 20.50 -23.46
C THR C 96 -14.90 19.37 -23.65
N ASN C 97 -15.19 18.18 -23.13
CA ASN C 97 -14.27 17.04 -23.11
C ASN C 97 -13.01 17.26 -22.26
N LYS C 98 -12.91 18.41 -21.62
CA LYS C 98 -11.76 18.71 -20.79
C LYS C 98 -12.16 19.09 -19.36
N ALA C 99 -11.40 18.57 -18.39
CA ALA C 99 -11.65 18.86 -16.99
C ALA C 99 -10.96 20.16 -16.60
N MET C 100 -11.73 21.24 -16.58
CA MET C 100 -11.21 22.55 -16.18
C MET C 100 -12.32 23.34 -15.48
N VAL C 101 -11.91 24.29 -14.65
CA VAL C 101 -12.83 25.25 -14.08
C VAL C 101 -12.04 26.52 -13.81
N LYS C 102 -12.71 27.66 -13.80
CA LYS C 102 -12.06 28.90 -13.37
C LYS C 102 -11.80 28.82 -11.88
N PHE C 103 -10.58 29.12 -11.46
CA PHE C 103 -10.23 29.11 -10.04
C PHE C 103 -11.10 30.05 -9.21
N SER C 104 -11.40 31.23 -9.76
CA SER C 104 -12.23 32.21 -9.06
C SER C 104 -13.62 31.65 -8.81
N ASP C 105 -14.17 30.93 -9.79
CA ASP C 105 -15.46 30.27 -9.63
C ASP C 105 -15.40 29.21 -8.54
N PHE C 106 -14.33 28.42 -8.54
CA PHE C 106 -14.17 27.38 -7.52
C PHE C 106 -14.03 28.00 -6.13
N MET C 107 -13.33 29.12 -6.03
CA MET C 107 -13.17 29.78 -4.74
C MET C 107 -14.51 30.29 -4.21
N ILE C 108 -15.35 30.79 -5.10
CA ILE C 108 -16.69 31.21 -4.72
C ILE C 108 -17.48 30.02 -4.18
N ILE C 109 -17.41 28.90 -4.90
CA ILE C 109 -18.03 27.65 -4.45
C ILE C 109 -17.56 27.22 -3.06
N LEU C 110 -16.25 27.27 -2.82
CA LEU C 110 -15.69 26.87 -1.54
C LEU C 110 -16.13 27.82 -0.42
N GLY C 111 -16.23 29.11 -0.73
CA GLY C 111 -16.68 30.08 0.24
C GLY C 111 -18.10 29.80 0.70
N MET C 112 -18.98 29.47 -0.25
CA MET C 112 -20.36 29.11 0.09
C MET C 112 -20.38 27.82 0.91
N ASN C 113 -19.63 26.82 0.44
CA ASN C 113 -19.51 25.54 1.12
C ASN C 113 -19.06 25.66 2.58
N TYR C 114 -17.99 26.41 2.83
CA TYR C 114 -17.50 26.57 4.19
C TYR C 114 -18.40 27.47 5.04
N GLY C 115 -19.04 28.45 4.42
CA GLY C 115 -20.10 29.19 5.10
C GLY C 115 -21.17 28.24 5.61
N MET C 116 -21.61 27.33 4.75
CA MET C 116 -22.64 26.35 5.09
C MET C 116 -22.18 25.44 6.23
N LEU C 117 -20.98 24.86 6.08
CA LEU C 117 -20.47 23.93 7.10
C LEU C 117 -20.19 24.67 8.41
N GLY C 118 -19.61 25.86 8.31
CA GLY C 118 -19.22 26.65 9.47
C GLY C 118 -20.41 27.06 10.31
N THR C 119 -21.45 27.56 9.64
CA THR C 119 -22.66 27.97 10.34
C THR C 119 -23.34 26.77 10.97
N GLY C 120 -23.40 25.66 10.25
CA GLY C 120 -23.91 24.41 10.81
C GLY C 120 -23.18 24.00 12.07
N TYR C 121 -21.85 24.04 12.01
CA TYR C 121 -21.04 23.67 13.15
C TYR C 121 -21.32 24.58 14.35
N LEU C 122 -21.39 25.89 14.11
CA LEU C 122 -21.66 26.85 15.18
C LEU C 122 -22.96 26.52 15.91
N GLY C 123 -23.95 26.06 15.14
CA GLY C 123 -25.24 25.64 15.69
C GLY C 123 -25.12 24.37 16.50
N ASP C 124 -24.37 23.40 15.99
CA ASP C 124 -24.14 22.13 16.69
C ASP C 124 -23.42 22.30 18.03
N ILE C 125 -22.48 23.24 18.13
CA ILE C 125 -21.78 23.47 19.40
C ILE C 125 -22.39 24.56 20.27
N GLY C 126 -23.52 25.12 19.85
CA GLY C 126 -24.30 26.00 20.70
C GLY C 126 -23.92 27.48 20.68
N VAL C 127 -22.95 27.84 19.85
CA VAL C 127 -22.57 29.25 19.71
C VAL C 127 -23.73 30.09 19.14
N ILE C 128 -24.53 29.49 18.27
CA ILE C 128 -25.78 30.09 17.82
C ILE C 128 -26.83 29.00 17.95
N HIS C 129 -28.11 29.33 17.91
CA HIS C 129 -29.07 28.25 18.00
C HIS C 129 -29.12 27.42 16.72
N LYS C 130 -29.50 26.16 16.91
CA LYS C 130 -29.73 25.21 15.86
C LYS C 130 -30.58 25.77 14.73
N THR C 131 -31.57 26.58 15.07
CA THR C 131 -32.46 27.13 14.07
C THR C 131 -31.72 28.17 13.23
N MET C 132 -30.85 28.94 13.86
CA MET C 132 -30.04 29.90 13.14
C MET C 132 -28.99 29.17 12.28
N GLY C 133 -28.46 28.08 12.81
CA GLY C 133 -27.51 27.26 12.05
C GLY C 133 -28.14 26.71 10.79
N THR C 134 -29.37 26.23 10.89
CA THR C 134 -30.12 25.75 9.75
C THR C 134 -30.42 26.84 8.74
N VAL C 135 -30.83 28.00 9.24
CA VAL C 135 -31.25 29.09 8.35
C VAL C 135 -30.07 29.66 7.59
N LEU C 136 -29.00 29.99 8.30
CA LEU C 136 -27.80 30.50 7.67
C LEU C 136 -27.13 29.42 6.83
N GLY C 137 -27.14 28.20 7.35
CA GLY C 137 -26.57 27.05 6.65
C GLY C 137 -27.21 26.92 5.29
N PHE C 138 -28.54 26.97 5.26
CA PHE C 138 -29.23 26.79 4.02
C PHE C 138 -29.14 28.01 3.09
N LEU C 139 -28.94 29.19 3.64
CA LEU C 139 -28.64 30.36 2.83
C LEU C 139 -27.33 30.14 2.05
N PHE C 140 -26.30 29.69 2.75
CA PHE C 140 -25.05 29.37 2.09
C PHE C 140 -25.23 28.19 1.11
N PHE C 141 -26.03 27.21 1.51
CA PHE C 141 -26.39 26.09 0.62
C PHE C 141 -26.97 26.62 -0.68
N GLY C 142 -27.84 27.61 -0.56
CA GLY C 142 -28.49 28.20 -1.72
C GLY C 142 -27.50 28.89 -2.64
N GLY C 143 -26.62 29.70 -2.06
CA GLY C 143 -25.54 30.33 -2.82
C GLY C 143 -24.70 29.29 -3.54
N LEU C 144 -24.32 28.25 -2.81
CA LEU C 144 -23.53 27.14 -3.37
C LEU C 144 -24.23 26.53 -4.57
N PHE C 145 -25.49 26.13 -4.40
CA PHE C 145 -26.16 25.43 -5.49
C PHE C 145 -26.61 26.34 -6.63
N TYR C 146 -26.77 27.62 -6.32
CA TYR C 146 -27.00 28.62 -7.36
C TYR C 146 -25.76 28.76 -8.24
N LYS C 147 -24.60 28.94 -7.60
CA LYS C 147 -23.35 29.06 -8.34
C LYS C 147 -23.06 27.80 -9.12
N LEU C 148 -23.20 26.64 -8.48
CA LEU C 148 -23.02 25.36 -9.17
C LEU C 148 -23.89 25.32 -10.43
N ASN C 149 -25.14 25.76 -10.33
CA ASN C 149 -26.05 25.68 -11.47
C ASN C 149 -25.60 26.56 -12.64
N THR C 150 -24.95 27.69 -12.36
CA THR C 150 -24.47 28.58 -13.44
C THR C 150 -23.35 27.93 -14.26
N LEU C 151 -22.71 26.91 -13.70
CA LEU C 151 -21.63 26.20 -14.39
C LEU C 151 -22.14 24.97 -15.15
N ARG C 152 -23.41 24.65 -14.93
CA ARG C 152 -24.02 23.44 -15.46
C ARG C 152 -24.73 23.72 -16.78
N THR C 153 -24.38 22.98 -17.82
CA THR C 153 -25.20 22.97 -19.02
C THR C 153 -26.17 21.79 -18.94
N SER C 154 -27.30 21.89 -19.63
CA SER C 154 -28.29 20.82 -19.61
C SER C 154 -27.86 19.59 -20.40
N ASN C 155 -27.83 18.46 -19.71
CA ASN C 155 -27.73 17.15 -20.36
C ASN C 155 -27.91 16.05 -19.32
N ALA C 156 -28.18 14.84 -19.78
CA ALA C 156 -28.61 13.76 -18.90
C ALA C 156 -27.70 13.60 -17.69
N SER C 157 -26.39 13.54 -17.94
CA SER C 157 -25.43 13.31 -16.87
C SER C 157 -25.31 14.50 -15.92
N ASN C 158 -25.16 15.70 -16.48
CA ASN C 158 -25.05 16.92 -15.66
C ASN C 158 -26.29 17.12 -14.81
N ASP C 159 -27.46 16.80 -15.37
CA ASP C 159 -28.72 16.99 -14.66
C ASP C 159 -28.88 15.95 -13.55
N LEU C 160 -28.54 14.70 -13.86
CA LEU C 160 -28.56 13.64 -12.86
C LEU C 160 -27.61 13.98 -11.72
N LEU C 161 -26.40 14.43 -12.08
CA LEU C 161 -25.37 14.74 -11.09
C LEU C 161 -25.78 15.91 -10.21
N TYR C 162 -26.18 16.99 -10.85
CA TYR C 162 -26.61 18.18 -10.13
C TYR C 162 -27.75 17.85 -9.18
N GLY C 163 -28.74 17.14 -9.69
CA GLY C 163 -29.88 16.70 -8.90
C GLY C 163 -29.51 15.80 -7.74
N ALA C 164 -28.61 14.85 -7.99
CA ALA C 164 -28.14 13.97 -6.94
C ALA C 164 -27.49 14.76 -5.83
N PHE C 165 -26.59 15.68 -6.19
CA PHE C 165 -25.89 16.49 -5.18
C PHE C 165 -26.88 17.36 -4.44
N PHE C 166 -27.79 17.99 -5.19
CA PHE C 166 -28.74 18.89 -4.55
C PHE C 166 -29.53 18.17 -3.47
N VAL C 167 -30.13 17.02 -3.83
CA VAL C 167 -30.95 16.28 -2.88
C VAL C 167 -30.13 15.68 -1.74
N LEU C 168 -29.04 14.99 -2.05
CA LEU C 168 -28.24 14.34 -1.02
C LEU C 168 -27.69 15.37 -0.04
N TRP C 169 -27.20 16.49 -0.56
CA TRP C 169 -26.60 17.50 0.29
C TRP C 169 -27.67 18.22 1.12
N ALA C 170 -28.84 18.48 0.56
CA ALA C 170 -29.94 19.05 1.36
C ALA C 170 -30.31 18.13 2.50
N LEU C 171 -30.25 16.82 2.26
CA LEU C 171 -30.63 15.86 3.28
C LEU C 171 -29.71 15.83 4.51
N TYR C 172 -28.47 16.30 4.36
CA TYR C 172 -27.61 16.47 5.52
C TYR C 172 -28.22 17.50 6.47
N GLY C 173 -28.75 18.58 5.89
CA GLY C 173 -29.45 19.61 6.65
C GLY C 173 -30.77 19.15 7.25
N VAL C 174 -31.39 18.15 6.63
CA VAL C 174 -32.56 17.52 7.22
C VAL C 174 -32.16 16.69 8.43
N PHE C 175 -31.13 15.86 8.30
CA PHE C 175 -30.73 14.99 9.40
CA PHE C 175 -30.74 14.98 9.39
C PHE C 175 -30.09 15.76 10.55
N TYR C 176 -29.51 16.91 10.26
CA TYR C 176 -29.02 17.84 11.27
C TYR C 176 -30.08 18.16 12.34
N GLN C 177 -31.36 18.02 11.98
CA GLN C 177 -32.44 18.34 12.91
C GLN C 177 -32.71 17.20 13.89
N MET C 178 -32.24 15.99 13.58
CA MET C 178 -32.55 14.82 14.40
CA MET C 178 -32.55 14.81 14.39
C MET C 178 -31.64 14.67 15.61
N GLU C 179 -32.09 13.86 16.55
CA GLU C 179 -31.30 13.50 17.73
C GLU C 179 -30.03 12.76 17.30
N GLN C 180 -29.05 12.68 18.20
CA GLN C 180 -27.70 12.28 17.85
C GLN C 180 -27.58 10.86 17.29
N LEU C 181 -28.33 9.91 17.83
CA LEU C 181 -28.25 8.53 17.38
C LEU C 181 -28.80 8.34 15.96
N PRO C 182 -30.05 8.74 15.71
CA PRO C 182 -30.54 8.60 14.34
C PRO C 182 -29.77 9.45 13.36
N ARG C 183 -29.30 10.62 13.80
CA ARG C 183 -28.49 11.47 12.94
C ARG C 183 -27.22 10.75 12.46
N ASN C 184 -26.59 9.97 13.33
CA ASN C 184 -25.44 9.15 12.92
C ASN C 184 -25.79 8.15 11.84
N VAL C 185 -26.89 7.42 12.01
CA VAL C 185 -27.29 6.43 11.02
C VAL C 185 -27.58 7.15 9.70
N GLY C 186 -28.28 8.28 9.81
CA GLY C 186 -28.60 9.09 8.66
C GLY C 186 -27.39 9.53 7.85
N TYR C 187 -26.42 10.12 8.53
CA TYR C 187 -25.19 10.55 7.89
C TYR C 187 -24.40 9.37 7.31
N ASN C 188 -24.39 8.24 8.00
CA ASN C 188 -23.74 7.06 7.46
C ASN C 188 -24.35 6.65 6.12
N VAL C 189 -25.68 6.67 6.04
CA VAL C 189 -26.36 6.31 4.80
C VAL C 189 -26.18 7.38 3.72
N LEU C 190 -26.26 8.66 4.10
CA LEU C 190 -26.00 9.71 3.12
C LEU C 190 -24.57 9.63 2.54
N ASP C 191 -23.58 9.35 3.39
CA ASP C 191 -22.20 9.21 2.90
C ASP C 191 -22.10 8.05 1.89
N LEU C 192 -22.77 6.95 2.18
CA LEU C 192 -22.82 5.84 1.26
C LEU C 192 -23.31 6.30 -0.11
N PHE C 193 -24.34 7.15 -0.13
CA PHE C 193 -24.86 7.65 -1.40
C PHE C 193 -23.98 8.75 -2.00
N SER C 194 -23.65 9.75 -1.18
CA SER C 194 -23.00 10.95 -1.67
C SER C 194 -21.54 10.69 -2.04
N LYS C 195 -20.89 9.77 -1.34
CA LYS C 195 -19.50 9.48 -1.66
C LYS C 195 -19.41 8.21 -2.52
N CYS C 196 -19.91 7.09 -1.99
CA CYS C 196 -19.66 5.80 -2.63
C CYS C 196 -20.43 5.61 -3.92
N PHE C 197 -21.75 5.83 -3.86
CA PHE C 197 -22.56 5.61 -5.05
C PHE C 197 -22.25 6.61 -6.15
N VAL C 198 -21.95 7.85 -5.78
CA VAL C 198 -21.47 8.83 -6.74
C VAL C 198 -20.13 8.40 -7.35
N GLY C 199 -19.22 7.92 -6.50
CA GLY C 199 -17.92 7.43 -7.00
C GLY C 199 -18.09 6.30 -8.00
N ILE C 200 -18.94 5.36 -7.64
CA ILE C 200 -19.20 4.23 -8.50
C ILE C 200 -19.85 4.68 -9.79
N TYR C 201 -20.75 5.67 -9.70
CA TYR C 201 -21.36 6.25 -10.89
C TYR C 201 -20.29 6.76 -11.85
N PHE C 202 -19.37 7.58 -11.37
CA PHE C 202 -18.32 8.11 -12.23
C PHE C 202 -17.51 7.00 -12.90
N TRP C 203 -17.13 5.98 -12.15
CA TRP C 203 -16.38 4.89 -12.72
C TRP C 203 -17.20 4.22 -13.83
N ALA C 204 -18.44 3.89 -13.53
CA ALA C 204 -19.28 3.16 -14.48
C ALA C 204 -19.56 4.01 -15.73
N PHE C 205 -19.82 5.28 -15.51
CA PHE C 205 -20.14 6.22 -16.59
C PHE C 205 -18.99 6.33 -17.58
N TYR C 206 -17.79 6.61 -17.07
CA TYR C 206 -16.65 6.79 -17.95
C TYR C 206 -16.18 5.47 -18.54
N ALA C 207 -16.38 4.38 -17.80
CA ALA C 207 -16.04 3.06 -18.31
C ALA C 207 -17.10 2.50 -19.26
N LYS C 208 -18.25 3.19 -19.34
CA LYS C 208 -19.35 2.82 -20.24
C LYS C 208 -19.78 1.38 -20.01
N ILE C 209 -19.92 1.05 -18.73
CA ILE C 209 -20.31 -0.27 -18.26
C ILE C 209 -21.81 -0.54 -18.49
N PHE C 210 -22.63 0.49 -18.47
CA PHE C 210 -24.09 0.32 -18.54
C PHE C 210 -24.69 0.95 -19.79
N THR C 211 -25.77 0.34 -20.28
CA THR C 211 -26.57 0.93 -21.35
C THR C 211 -27.84 1.55 -20.76
N SER D 2 20.07 -19.25 20.96
CA SER D 2 18.86 -18.52 21.43
C SER D 2 18.54 -17.36 20.49
N ASP D 3 19.53 -16.50 20.24
CA ASP D 3 19.36 -15.40 19.30
C ASP D 3 19.03 -15.91 17.90
N LEU D 4 19.81 -16.87 17.43
CA LEU D 4 19.69 -17.38 16.05
C LEU D 4 18.29 -17.88 15.70
N ILE D 5 17.59 -18.47 16.67
CA ILE D 5 16.24 -18.99 16.43
C ILE D 5 15.26 -17.87 16.09
N GLU D 6 15.25 -16.84 16.91
CA GLU D 6 14.39 -15.68 16.67
C GLU D 6 14.82 -15.01 15.36
N TYR D 7 16.12 -14.91 15.15
CA TYR D 7 16.67 -14.25 13.98
C TYR D 7 16.23 -14.94 12.69
N SER D 8 16.03 -16.26 12.74
CA SER D 8 15.66 -17.01 11.55
C SER D 8 14.26 -16.65 11.07
N PHE D 9 13.36 -16.36 12.00
CA PHE D 9 12.03 -15.86 11.63
C PHE D 9 12.16 -14.50 10.93
N TYR D 10 12.94 -13.60 11.53
CA TYR D 10 13.10 -12.24 10.99
C TYR D 10 13.80 -12.23 9.63
N LEU D 11 14.80 -13.08 9.47
CA LEU D 11 15.52 -13.17 8.20
C LEU D 11 14.58 -13.52 7.05
N THR D 12 13.76 -14.55 7.25
CA THR D 12 12.87 -15.02 6.22
C THR D 12 11.73 -14.04 5.97
N TYR D 13 11.15 -13.54 7.05
CA TYR D 13 10.13 -12.49 6.95
C TYR D 13 10.64 -11.31 6.12
N ALA D 14 11.83 -10.80 6.44
CA ALA D 14 12.35 -9.65 5.74
C ALA D 14 12.72 -9.99 4.30
N PHE D 15 13.28 -11.18 4.07
CA PHE D 15 13.56 -11.59 2.69
C PHE D 15 12.30 -11.80 1.85
N LEU D 16 11.19 -12.16 2.50
CA LEU D 16 9.91 -12.27 1.79
C LEU D 16 9.45 -10.89 1.33
N MET D 17 9.65 -9.89 2.19
CA MET D 17 9.34 -8.50 1.83
CA MET D 17 9.34 -8.50 1.83
C MET D 17 10.16 -8.09 0.62
N THR D 18 11.44 -8.49 0.61
CA THR D 18 12.33 -8.17 -0.49
C THR D 18 11.88 -8.81 -1.80
N THR D 19 11.62 -10.11 -1.74
CA THR D 19 11.23 -10.88 -2.90
C THR D 19 9.89 -10.38 -3.44
N GLY D 20 8.94 -10.14 -2.54
CA GLY D 20 7.64 -9.64 -2.95
C GLY D 20 7.75 -8.30 -3.68
N THR D 21 8.63 -7.43 -3.20
CA THR D 21 8.80 -6.11 -3.78
C THR D 21 9.42 -6.21 -5.16
N ILE D 22 10.42 -7.07 -5.29
CA ILE D 22 11.17 -7.13 -6.54
C ILE D 22 10.32 -7.73 -7.66
N THR D 23 9.53 -8.78 -7.36
CA THR D 23 8.68 -9.40 -8.37
C THR D 23 7.46 -8.55 -8.70
N PHE D 24 6.99 -7.80 -7.71
CA PHE D 24 5.85 -6.89 -7.91
C PHE D 24 6.20 -5.82 -8.95
N ILE D 25 7.34 -5.16 -8.75
CA ILE D 25 7.74 -4.07 -9.62
C ILE D 25 7.99 -4.58 -11.03
N GLU D 26 8.70 -5.70 -11.16
CA GLU D 26 8.94 -6.27 -12.47
C GLU D 26 7.67 -6.86 -13.12
N ALA D 27 6.74 -7.37 -12.32
CA ALA D 27 5.47 -7.84 -12.87
C ALA D 27 4.74 -6.69 -13.55
N LEU D 28 4.87 -5.50 -12.98
CA LEU D 28 4.14 -4.34 -13.48
C LEU D 28 4.81 -3.69 -14.71
N ARG D 29 6.04 -4.08 -15.00
CA ARG D 29 6.80 -3.38 -16.02
C ARG D 29 7.31 -4.28 -17.16
N THR D 30 7.36 -5.58 -16.95
CA THR D 30 7.83 -6.46 -18.02
C THR D 30 6.91 -6.36 -19.24
N LYS D 31 7.49 -6.40 -20.43
CA LYS D 31 6.71 -6.36 -21.67
C LYS D 31 6.30 -7.76 -22.14
N ASN D 32 6.82 -8.78 -21.47
CA ASN D 32 6.48 -10.17 -21.77
C ASN D 32 5.39 -10.64 -20.81
N GLU D 33 4.18 -10.90 -21.31
CA GLU D 33 3.10 -11.22 -20.38
CA GLU D 33 3.04 -11.27 -20.47
C GLU D 33 3.25 -12.57 -19.70
N SER D 34 3.89 -13.53 -20.34
CA SER D 34 4.12 -14.82 -19.70
C SER D 34 5.01 -14.62 -18.47
N VAL D 35 6.03 -13.77 -18.59
CA VAL D 35 6.86 -13.44 -17.44
C VAL D 35 6.02 -12.68 -16.40
N ARG D 36 5.13 -11.81 -16.86
CA ARG D 36 4.25 -11.15 -15.90
C ARG D 36 3.45 -12.16 -15.07
N HIS D 37 2.86 -13.16 -15.73
CA HIS D 37 2.04 -14.13 -15.01
C HIS D 37 2.86 -14.87 -13.98
N ILE D 38 4.08 -15.24 -14.33
CA ILE D 38 4.97 -15.91 -13.39
C ILE D 38 5.34 -15.02 -12.20
N LEU D 39 5.71 -13.78 -12.49
CA LEU D 39 6.10 -12.84 -11.45
C LEU D 39 4.91 -12.39 -10.60
N ASN D 40 3.72 -12.36 -11.20
CA ASN D 40 2.49 -12.08 -10.47
C ASN D 40 2.28 -13.18 -9.42
N LEU D 41 2.26 -14.42 -9.87
CA LEU D 41 2.15 -15.56 -8.96
C LEU D 41 3.23 -15.56 -7.90
N GLU D 42 4.46 -15.25 -8.29
CA GLU D 42 5.56 -15.19 -7.31
C GLU D 42 5.28 -14.14 -6.23
N THR D 43 4.73 -13.01 -6.63
CA THR D 43 4.40 -11.95 -5.68
C THR D 43 3.38 -12.45 -4.66
N CYS D 44 2.36 -13.18 -5.14
CA CYS D 44 1.36 -13.75 -4.25
C CYS D 44 1.97 -14.67 -3.20
N ILE D 45 2.93 -15.50 -3.62
CA ILE D 45 3.61 -16.38 -2.68
C ILE D 45 4.25 -15.58 -1.53
N SER D 46 4.98 -14.52 -1.86
CA SER D 46 5.65 -13.71 -0.83
C SER D 46 4.64 -13.01 0.09
N VAL D 47 3.56 -12.51 -0.49
CA VAL D 47 2.49 -11.88 0.27
C VAL D 47 1.90 -12.83 1.31
N VAL D 48 1.55 -14.04 0.89
CA VAL D 48 0.94 -15.01 1.78
C VAL D 48 1.91 -15.50 2.85
N ALA D 49 3.11 -15.88 2.45
CA ALA D 49 4.08 -16.31 3.44
C ALA D 49 4.43 -15.18 4.40
N ALA D 50 4.56 -13.96 3.90
CA ALA D 50 4.86 -12.83 4.77
C ALA D 50 3.76 -12.63 5.81
N PHE D 51 2.51 -12.85 5.40
CA PHE D 51 1.41 -12.73 6.34
C PHE D 51 1.59 -13.74 7.47
N PHE D 52 1.85 -15.00 7.12
CA PHE D 52 2.05 -16.00 8.16
C PHE D 52 3.30 -15.73 9.01
N TYR D 53 4.40 -15.36 8.39
CA TYR D 53 5.57 -15.02 9.20
C TYR D 53 5.30 -13.82 10.15
N SER D 54 4.51 -12.83 9.72
CA SER D 54 4.19 -11.74 10.63
C SER D 54 3.42 -12.30 11.84
N ASN D 55 2.57 -13.29 11.60
CA ASN D 55 1.83 -13.97 12.67
C ASN D 55 2.75 -14.67 13.66
N PHE D 56 3.72 -15.41 13.14
CA PHE D 56 4.64 -16.16 13.98
C PHE D 56 5.47 -15.20 14.82
N ILE D 57 5.99 -14.15 14.19
CA ILE D 57 6.80 -13.16 14.88
C ILE D 57 5.99 -12.55 16.03
N GLY D 58 4.72 -12.27 15.78
CA GLY D 58 3.83 -11.79 16.83
C GLY D 58 3.77 -12.70 18.06
N LYS D 59 4.10 -13.98 17.89
CA LYS D 59 3.92 -14.96 18.96
C LYS D 59 5.22 -15.44 19.62
N LEU D 60 6.31 -14.71 19.41
CA LEU D 60 7.63 -15.19 19.82
C LEU D 60 7.87 -15.16 21.34
N GLU D 61 7.31 -14.16 22.02
CA GLU D 61 7.45 -14.10 23.48
C GLU D 61 6.91 -15.37 24.11
N HIS D 62 5.63 -15.64 23.90
CA HIS D 62 5.00 -16.84 24.42
C HIS D 62 4.84 -17.87 23.31
N ILE D 63 5.96 -18.34 22.76
CA ILE D 63 5.90 -19.20 21.57
C ILE D 63 5.76 -20.68 21.87
N ASN D 64 4.79 -21.29 21.20
CA ASN D 64 4.57 -22.72 21.24
C ASN D 64 5.05 -23.33 19.92
N TYR D 65 6.22 -23.94 19.96
CA TYR D 65 6.90 -24.45 18.76
C TYR D 65 6.04 -25.42 17.96
N GLU D 66 5.31 -26.29 18.65
CA GLU D 66 4.47 -27.28 17.99
C GLU D 66 3.28 -26.61 17.33
N GLU D 67 2.75 -25.58 17.96
CA GLU D 67 1.65 -24.82 17.37
C GLU D 67 2.10 -24.16 16.06
N ILE D 68 3.23 -23.43 16.11
CA ILE D 68 3.76 -22.80 14.91
C ILE D 68 3.81 -23.79 13.75
N ASN D 69 4.46 -24.93 13.96
CA ASN D 69 4.62 -25.92 12.88
C ASN D 69 3.27 -26.41 12.34
N LEU D 70 2.30 -26.58 13.23
CA LEU D 70 0.93 -26.89 12.80
C LEU D 70 0.36 -25.75 11.97
N ASN D 71 0.57 -24.52 12.44
CA ASN D 71 0.09 -23.33 11.73
C ASN D 71 0.62 -23.25 10.29
N ARG D 72 1.87 -23.67 10.11
CA ARG D 72 2.52 -23.62 8.80
C ARG D 72 1.73 -24.33 7.70
N TYR D 73 0.95 -25.34 8.06
CA TYR D 73 0.19 -26.09 7.06
C TYR D 73 -0.80 -25.20 6.31
N VAL D 74 -1.31 -24.17 6.96
CA VAL D 74 -2.24 -23.26 6.30
C VAL D 74 -1.50 -22.46 5.24
N ASP D 75 -0.33 -21.94 5.62
CA ASP D 75 0.56 -21.28 4.67
C ASP D 75 0.83 -22.23 3.50
N TRP D 76 1.32 -23.43 3.83
CA TRP D 76 1.66 -24.45 2.82
C TRP D 76 0.50 -24.77 1.88
N ALA D 77 -0.70 -24.89 2.43
CA ALA D 77 -1.87 -25.23 1.62
C ALA D 77 -2.14 -24.18 0.53
N ILE D 78 -1.69 -22.95 0.76
CA ILE D 78 -1.94 -21.88 -0.19
C ILE D 78 -0.75 -21.64 -1.11
N THR D 79 0.45 -21.64 -0.55
CA THR D 79 1.65 -21.31 -1.32
C THR D 79 2.13 -22.45 -2.22
N THR D 80 2.07 -23.69 -1.75
CA THR D 80 2.57 -24.81 -2.59
C THR D 80 1.86 -24.91 -3.94
N PRO D 81 0.52 -24.77 -3.98
CA PRO D 81 -0.08 -24.84 -5.30
C PRO D 81 0.33 -23.69 -6.23
N ILE D 82 0.60 -22.51 -5.67
CA ILE D 82 1.04 -21.39 -6.51
C ILE D 82 2.46 -21.65 -6.98
N MET D 83 3.30 -22.16 -6.08
CA MET D 83 4.70 -22.41 -6.42
C MET D 83 4.79 -23.48 -7.51
N LEU D 84 3.91 -24.47 -7.46
CA LEU D 84 3.90 -25.53 -8.46
C LEU D 84 3.38 -25.01 -9.79
N LEU D 85 2.42 -24.11 -9.74
CA LEU D 85 1.92 -23.48 -10.95
C LEU D 85 3.04 -22.67 -11.63
N VAL D 86 3.75 -21.87 -10.83
CA VAL D 86 4.91 -21.12 -11.33
C VAL D 86 5.92 -22.07 -11.98
N LEU D 87 6.23 -23.16 -11.29
CA LEU D 87 7.23 -24.11 -11.81
C LEU D 87 6.87 -24.62 -13.20
N VAL D 88 5.63 -25.10 -13.37
CA VAL D 88 5.24 -25.70 -14.65
C VAL D 88 5.07 -24.64 -15.75
N LEU D 89 4.68 -23.41 -15.38
CA LEU D 89 4.60 -22.34 -16.37
C LEU D 89 6.01 -21.94 -16.77
N ALA D 90 6.92 -21.99 -15.80
CA ALA D 90 8.30 -21.64 -16.06
C ALA D 90 8.91 -22.66 -17.04
N PHE D 91 8.61 -23.94 -16.84
CA PHE D 91 9.07 -24.98 -17.76
C PHE D 91 8.69 -24.60 -19.19
N ARG D 92 7.40 -24.31 -19.39
CA ARG D 92 6.91 -23.95 -20.72
C ARG D 92 7.49 -22.66 -21.26
N VAL D 93 7.59 -21.64 -20.41
CA VAL D 93 8.14 -20.37 -20.88
C VAL D 93 9.59 -20.56 -21.35
N ASN D 94 10.34 -21.41 -20.66
CA ASN D 94 11.73 -21.65 -21.03
C ASN D 94 11.86 -22.38 -22.37
N GLN D 95 10.82 -23.10 -22.76
CA GLN D 95 10.87 -23.90 -23.98
C GLN D 95 10.10 -23.24 -25.13
N THR D 96 8.92 -22.68 -24.84
CA THR D 96 8.05 -22.11 -25.88
C THR D 96 7.88 -20.59 -25.76
N ASN D 97 8.29 -20.02 -24.64
CA ASN D 97 7.99 -18.62 -24.31
C ASN D 97 6.49 -18.36 -24.17
N LYS D 98 5.75 -19.40 -23.77
CA LYS D 98 4.32 -19.24 -23.46
C LYS D 98 4.02 -19.89 -22.11
N ALA D 99 3.44 -19.10 -21.21
CA ALA D 99 3.05 -19.62 -19.91
C ALA D 99 1.72 -20.36 -20.04
N MET D 100 1.80 -21.68 -20.20
CA MET D 100 0.60 -22.51 -20.37
C MET D 100 0.82 -23.91 -19.81
N VAL D 101 -0.23 -24.49 -19.26
CA VAL D 101 -0.19 -25.86 -18.78
C VAL D 101 -1.59 -26.45 -18.93
N LYS D 102 -1.68 -27.77 -19.12
CA LYS D 102 -2.97 -28.43 -19.19
C LYS D 102 -3.58 -28.40 -17.80
N PHE D 103 -4.87 -28.07 -17.71
CA PHE D 103 -5.53 -28.00 -16.43
C PHE D 103 -5.55 -29.37 -15.75
N SER D 104 -5.76 -30.41 -16.56
CA SER D 104 -5.79 -31.78 -16.03
C SER D 104 -4.44 -32.16 -15.43
N ASP D 105 -3.36 -31.84 -16.15
CA ASP D 105 -2.00 -32.01 -15.62
C ASP D 105 -1.84 -31.29 -14.29
N PHE D 106 -2.33 -30.06 -14.22
CA PHE D 106 -2.17 -29.28 -13.00
C PHE D 106 -2.97 -29.85 -11.82
N MET D 107 -4.17 -30.34 -12.09
CA MET D 107 -5.00 -30.98 -11.05
C MET D 107 -4.39 -32.30 -10.53
N ILE D 108 -3.71 -33.04 -11.39
CA ILE D 108 -2.97 -34.23 -10.93
C ILE D 108 -1.83 -33.79 -10.02
N ILE D 109 -1.10 -32.77 -10.45
CA ILE D 109 -0.03 -32.21 -9.62
C ILE D 109 -0.58 -31.80 -8.25
N LEU D 110 -1.71 -31.10 -8.22
CA LEU D 110 -2.30 -30.67 -6.95
C LEU D 110 -2.78 -31.85 -6.11
N GLY D 111 -3.34 -32.86 -6.75
CA GLY D 111 -3.75 -34.08 -6.05
C GLY D 111 -2.57 -34.63 -5.26
N MET D 112 -1.46 -34.86 -5.96
CA MET D 112 -0.27 -35.37 -5.31
C MET D 112 0.20 -34.41 -4.21
N ASN D 113 0.27 -33.12 -4.53
CA ASN D 113 0.72 -32.14 -3.55
C ASN D 113 -0.12 -32.19 -2.27
N TYR D 114 -1.44 -32.23 -2.41
CA TYR D 114 -2.30 -32.21 -1.24
C TYR D 114 -2.30 -33.56 -0.51
N GLY D 115 -2.09 -34.64 -1.25
CA GLY D 115 -1.89 -35.95 -0.63
C GLY D 115 -0.69 -35.89 0.30
N MET D 116 0.40 -35.31 -0.21
CA MET D 116 1.63 -35.14 0.56
C MET D 116 1.43 -34.32 1.84
N LEU D 117 0.87 -33.12 1.70
CA LEU D 117 0.64 -32.25 2.86
C LEU D 117 -0.36 -32.85 3.84
N GLY D 118 -1.43 -33.44 3.32
CA GLY D 118 -2.50 -33.99 4.16
C GLY D 118 -2.04 -35.16 5.00
N THR D 119 -1.28 -36.06 4.39
CA THR D 119 -0.75 -37.21 5.11
C THR D 119 0.27 -36.75 6.14
N GLY D 120 1.08 -35.75 5.77
CA GLY D 120 2.05 -35.16 6.69
C GLY D 120 1.35 -34.57 7.92
N TYR D 121 0.22 -33.92 7.68
CA TYR D 121 -0.55 -33.30 8.76
C TYR D 121 -1.11 -34.34 9.74
N LEU D 122 -1.63 -35.45 9.20
CA LEU D 122 -2.21 -36.50 10.04
C LEU D 122 -1.12 -37.09 10.95
N GLY D 123 0.09 -37.19 10.42
CA GLY D 123 1.24 -37.63 11.22
C GLY D 123 1.55 -36.70 12.37
N ASP D 124 1.50 -35.40 12.12
CA ASP D 124 1.81 -34.41 13.15
C ASP D 124 0.80 -34.41 14.28
N ILE D 125 -0.48 -34.53 13.94
CA ILE D 125 -1.53 -34.47 14.94
C ILE D 125 -1.82 -35.84 15.56
N GLY D 126 -1.04 -36.85 15.19
CA GLY D 126 -1.11 -38.16 15.83
C GLY D 126 -2.19 -39.11 15.32
N VAL D 127 -2.85 -38.77 14.22
CA VAL D 127 -3.85 -39.67 13.64
C VAL D 127 -3.20 -40.87 12.93
N ILE D 128 -1.97 -40.69 12.46
CA ILE D 128 -1.15 -41.80 11.95
C ILE D 128 0.26 -41.60 12.51
N HIS D 129 1.07 -42.65 12.54
CA HIS D 129 2.37 -42.50 13.20
C HIS D 129 3.38 -41.69 12.39
N LYS D 130 4.21 -40.94 13.11
CA LYS D 130 5.15 -40.01 12.51
C LYS D 130 5.95 -40.62 11.36
N THR D 131 6.39 -41.87 11.51
CA THR D 131 7.15 -42.55 10.44
C THR D 131 6.24 -42.87 9.27
N MET D 132 4.96 -43.09 9.54
CA MET D 132 4.00 -43.35 8.48
C MET D 132 3.86 -42.11 7.62
N GLY D 133 3.49 -41.00 8.27
CA GLY D 133 3.37 -39.72 7.59
C GLY D 133 4.59 -39.49 6.74
N THR D 134 5.75 -39.83 7.29
CA THR D 134 7.01 -39.65 6.57
C THR D 134 7.01 -40.49 5.29
N VAL D 135 6.62 -41.75 5.40
CA VAL D 135 6.66 -42.69 4.28
C VAL D 135 5.62 -42.38 3.21
N LEU D 136 4.35 -42.32 3.61
CA LEU D 136 3.25 -42.01 2.69
C LEU D 136 3.40 -40.62 2.07
N GLY D 137 3.79 -39.65 2.89
CA GLY D 137 3.97 -38.28 2.43
C GLY D 137 4.98 -38.27 1.30
N PHE D 138 6.09 -38.99 1.53
CA PHE D 138 7.13 -39.07 0.52
C PHE D 138 6.71 -39.87 -0.71
N LEU D 139 5.75 -40.78 -0.56
CA LEU D 139 5.20 -41.49 -1.71
C LEU D 139 4.51 -40.48 -2.63
N PHE D 140 3.63 -39.67 -2.05
CA PHE D 140 2.94 -38.61 -2.80
C PHE D 140 3.94 -37.64 -3.40
N PHE D 141 4.99 -37.33 -2.65
CA PHE D 141 6.09 -36.52 -3.14
C PHE D 141 6.71 -37.14 -4.39
N GLY D 142 6.92 -38.46 -4.34
CA GLY D 142 7.45 -39.17 -5.50
C GLY D 142 6.52 -39.04 -6.68
N GLY D 143 5.24 -39.26 -6.44
CA GLY D 143 4.24 -39.07 -7.48
C GLY D 143 4.32 -37.66 -8.05
N LEU D 144 4.32 -36.68 -7.15
CA LEU D 144 4.39 -35.27 -7.53
C LEU D 144 5.59 -35.01 -8.44
N PHE D 145 6.77 -35.41 -7.98
CA PHE D 145 7.98 -35.10 -8.72
C PHE D 145 8.20 -35.97 -9.94
N TYR D 146 7.58 -37.15 -9.95
CA TYR D 146 7.55 -37.92 -11.18
C TYR D 146 6.75 -37.16 -12.22
N LYS D 147 5.54 -36.77 -11.85
CA LYS D 147 4.65 -36.02 -12.75
C LYS D 147 5.29 -34.72 -13.25
N LEU D 148 5.94 -33.98 -12.35
CA LEU D 148 6.62 -32.74 -12.73
C LEU D 148 7.71 -33.01 -13.74
N ASN D 149 8.44 -34.10 -13.53
CA ASN D 149 9.51 -34.47 -14.43
C ASN D 149 8.99 -34.71 -15.85
N THR D 150 7.79 -35.27 -15.99
CA THR D 150 7.22 -35.54 -17.30
C THR D 150 6.87 -34.26 -18.06
N LEU D 151 6.64 -33.18 -17.31
CA LEU D 151 6.30 -31.89 -17.91
C LEU D 151 7.55 -31.10 -18.25
N ARG D 152 8.67 -31.52 -17.68
CA ARG D 152 9.91 -30.81 -17.85
C ARG D 152 10.58 -31.19 -19.17
N THR D 153 10.99 -30.18 -19.93
CA THR D 153 11.84 -30.41 -21.09
C THR D 153 13.25 -29.97 -20.71
N SER D 154 14.25 -30.64 -21.27
CA SER D 154 15.63 -30.42 -20.82
C SER D 154 16.19 -29.07 -21.25
N ASN D 155 16.75 -28.35 -20.28
CA ASN D 155 17.57 -27.19 -20.53
C ASN D 155 18.11 -26.67 -19.20
N ALA D 156 19.04 -25.73 -19.27
CA ALA D 156 19.77 -25.27 -18.09
C ALA D 156 18.84 -24.79 -16.97
N SER D 157 17.93 -23.87 -17.30
CA SER D 157 17.02 -23.31 -16.31
C SER D 157 16.06 -24.37 -15.73
N ASN D 158 15.48 -25.18 -16.61
CA ASN D 158 14.55 -26.24 -16.17
C ASN D 158 15.19 -27.28 -15.29
N ASP D 159 16.43 -27.66 -15.60
CA ASP D 159 17.10 -28.66 -14.80
C ASP D 159 17.44 -28.08 -13.43
N LEU D 160 17.88 -26.84 -13.40
CA LEU D 160 18.19 -26.16 -12.14
C LEU D 160 16.92 -26.08 -11.29
N LEU D 161 15.86 -25.55 -11.88
CA LEU D 161 14.59 -25.39 -11.18
C LEU D 161 14.07 -26.72 -10.64
N TYR D 162 14.08 -27.75 -11.49
CA TYR D 162 13.58 -29.05 -11.06
C TYR D 162 14.42 -29.61 -9.91
N GLY D 163 15.74 -29.53 -10.04
CA GLY D 163 16.63 -30.03 -8.99
C GLY D 163 16.49 -29.28 -7.69
N ALA D 164 16.44 -27.96 -7.75
CA ALA D 164 16.25 -27.14 -6.56
C ALA D 164 14.93 -27.46 -5.86
N PHE D 165 13.84 -27.53 -6.61
CA PHE D 165 12.55 -27.89 -6.01
C PHE D 165 12.62 -29.29 -5.41
N PHE D 166 13.16 -30.24 -6.19
CA PHE D 166 13.29 -31.61 -5.68
C PHE D 166 14.00 -31.64 -4.33
N VAL D 167 15.20 -31.09 -4.26
CA VAL D 167 15.99 -31.14 -3.03
C VAL D 167 15.34 -30.36 -1.89
N LEU D 168 14.94 -29.12 -2.16
CA LEU D 168 14.35 -28.30 -1.11
C LEU D 168 13.08 -28.90 -0.55
N TRP D 169 12.19 -29.36 -1.43
CA TRP D 169 10.92 -29.89 -0.95
C TRP D 169 11.11 -31.21 -0.21
N ALA D 170 12.09 -32.00 -0.63
CA ALA D 170 12.38 -33.25 0.09
C ALA D 170 12.87 -32.88 1.48
N LEU D 171 13.68 -31.83 1.58
CA LEU D 171 14.21 -31.42 2.88
C LEU D 171 13.12 -31.03 3.88
N TYR D 172 11.95 -30.58 3.40
CA TYR D 172 10.83 -30.38 4.33
C TYR D 172 10.47 -31.72 4.99
N GLY D 173 10.55 -32.82 4.22
CA GLY D 173 10.28 -34.15 4.75
C GLY D 173 11.33 -34.63 5.74
N VAL D 174 12.57 -34.22 5.53
CA VAL D 174 13.64 -34.55 6.46
C VAL D 174 13.44 -33.83 7.80
N PHE D 175 13.24 -32.51 7.76
CA PHE D 175 13.12 -31.74 9.00
C PHE D 175 11.84 -32.06 9.76
N TYR D 176 10.87 -32.63 9.05
CA TYR D 176 9.64 -33.14 9.65
C TYR D 176 9.89 -34.18 10.77
N GLN D 177 11.01 -34.90 10.70
CA GLN D 177 11.32 -35.93 11.71
C GLN D 177 11.84 -35.32 13.00
N MET D 178 12.39 -34.12 12.88
CA MET D 178 13.16 -33.54 13.97
C MET D 178 12.23 -32.96 15.03
N GLU D 179 12.79 -32.64 16.19
CA GLU D 179 12.03 -32.09 17.30
C GLU D 179 11.48 -30.72 16.87
N GLN D 180 10.49 -30.20 17.61
CA GLN D 180 9.77 -29.01 17.17
C GLN D 180 10.65 -27.79 16.95
N LEU D 181 11.63 -27.59 17.83
CA LEU D 181 12.44 -26.38 17.79
C LEU D 181 13.38 -26.39 16.58
N PRO D 182 14.23 -27.44 16.46
CA PRO D 182 15.08 -27.50 15.27
C PRO D 182 14.27 -27.52 13.98
N ARG D 183 13.06 -28.04 14.07
CA ARG D 183 12.22 -28.18 12.90
C ARG D 183 11.78 -26.79 12.42
N ASN D 184 11.37 -25.95 13.36
CA ASN D 184 11.03 -24.56 13.05
C ASN D 184 12.19 -23.85 12.37
N VAL D 185 13.39 -24.00 12.92
CA VAL D 185 14.53 -23.29 12.36
C VAL D 185 14.79 -23.81 10.94
N GLY D 186 14.67 -25.12 10.75
CA GLY D 186 14.87 -25.73 9.44
C GLY D 186 13.88 -25.26 8.39
N TYR D 187 12.61 -25.18 8.78
CA TYR D 187 11.56 -24.71 7.90
C TYR D 187 11.73 -23.23 7.55
N ASN D 188 12.17 -22.44 8.53
CA ASN D 188 12.45 -21.02 8.31
C ASN D 188 13.52 -20.86 7.24
N VAL D 189 14.58 -21.65 7.33
CA VAL D 189 15.65 -21.57 6.34
C VAL D 189 15.22 -22.13 4.99
N LEU D 190 14.50 -23.24 5.01
CA LEU D 190 13.99 -23.82 3.75
C LEU D 190 13.06 -22.85 3.02
N ASP D 191 12.18 -22.17 3.75
CA ASP D 191 11.29 -21.15 3.17
C ASP D 191 12.10 -20.03 2.52
N LEU D 192 13.19 -19.64 3.17
CA LEU D 192 14.09 -18.65 2.61
C LEU D 192 14.61 -19.10 1.23
N PHE D 193 15.01 -20.37 1.13
CA PHE D 193 15.52 -20.89 -0.13
C PHE D 193 14.39 -21.15 -1.11
N SER D 194 13.34 -21.82 -0.64
CA SER D 194 12.30 -22.33 -1.53
C SER D 194 11.37 -21.25 -2.06
N LYS D 195 11.18 -20.18 -1.28
CA LYS D 195 10.29 -19.10 -1.70
C LYS D 195 11.13 -17.89 -2.16
N CYS D 196 11.99 -17.40 -1.27
CA CYS D 196 12.72 -16.17 -1.53
C CYS D 196 13.82 -16.32 -2.60
N PHE D 197 14.73 -17.26 -2.40
CA PHE D 197 15.82 -17.41 -3.35
C PHE D 197 15.28 -17.85 -4.72
N VAL D 198 14.30 -18.74 -4.73
CA VAL D 198 13.65 -19.11 -6.00
C VAL D 198 12.99 -17.89 -6.68
N GLY D 199 12.29 -17.07 -5.90
CA GLY D 199 11.65 -15.88 -6.48
C GLY D 199 12.66 -14.89 -7.02
N ILE D 200 13.72 -14.67 -6.26
CA ILE D 200 14.81 -13.83 -6.72
C ILE D 200 15.49 -14.42 -7.98
N TYR D 201 15.62 -15.74 -8.04
CA TYR D 201 16.14 -16.38 -9.26
C TYR D 201 15.28 -16.02 -10.47
N PHE D 202 13.96 -16.14 -10.33
CA PHE D 202 13.08 -15.86 -11.46
C PHE D 202 13.23 -14.42 -11.93
N TRP D 203 13.25 -13.50 -10.98
CA TRP D 203 13.46 -12.10 -11.30
C TRP D 203 14.79 -11.91 -12.04
N ALA D 204 15.88 -12.40 -11.45
CA ALA D 204 17.20 -12.24 -12.04
C ALA D 204 17.27 -12.92 -13.41
N PHE D 205 16.73 -14.12 -13.50
CA PHE D 205 16.75 -14.87 -14.75
C PHE D 205 16.05 -14.10 -15.87
N TYR D 206 14.82 -13.63 -15.63
CA TYR D 206 14.09 -12.93 -16.68
C TYR D 206 14.60 -11.52 -16.94
N ALA D 207 15.16 -10.89 -15.92
CA ALA D 207 15.76 -9.58 -16.07
C ALA D 207 17.14 -9.66 -16.74
N LYS D 208 17.67 -10.88 -16.87
CA LYS D 208 18.97 -11.10 -17.50
C LYS D 208 20.09 -10.24 -16.87
N ILE D 209 20.12 -10.14 -15.55
CA ILE D 209 21.16 -9.35 -14.92
C ILE D 209 22.47 -10.13 -14.71
N PHE D 210 22.42 -11.45 -14.76
CA PHE D 210 23.66 -12.24 -14.65
C PHE D 210 24.03 -12.90 -15.97
N THR D 211 25.33 -13.16 -16.17
CA THR D 211 25.78 -13.93 -17.32
C THR D 211 26.76 -15.00 -16.88
N MET E 1 22.14 14.97 23.27
CA MET E 1 21.02 14.88 24.24
C MET E 1 20.45 13.46 24.24
N SER E 2 19.52 13.21 25.14
CA SER E 2 18.67 12.04 25.02
C SER E 2 17.84 12.20 23.76
N ASP E 3 17.42 13.44 23.51
CA ASP E 3 16.63 13.79 22.33
C ASP E 3 17.33 13.41 21.00
N LEU E 4 18.57 13.82 20.82
CA LEU E 4 19.25 13.63 19.54
C LEU E 4 19.55 12.15 19.24
N ILE E 5 19.62 11.31 20.27
CA ILE E 5 19.82 9.87 20.06
C ILE E 5 18.58 9.23 19.43
N GLU E 6 17.44 9.48 20.04
CA GLU E 6 16.16 9.02 19.51
C GLU E 6 15.90 9.65 18.15
N TYR E 7 16.23 10.92 18.02
CA TYR E 7 16.03 11.64 16.78
C TYR E 7 16.79 10.98 15.63
N SER E 8 17.97 10.43 15.91
CA SER E 8 18.76 9.77 14.87
C SER E 8 18.04 8.55 14.30
N PHE E 9 17.36 7.80 15.16
CA PHE E 9 16.55 6.68 14.70
CA PHE E 9 16.53 6.67 14.71
C PHE E 9 15.41 7.15 13.78
N TYR E 10 14.72 8.20 14.20
CA TYR E 10 13.59 8.71 13.42
C TYR E 10 14.04 9.30 12.10
N LEU E 11 15.19 9.98 12.10
CA LEU E 11 15.70 10.65 10.92
C LEU E 11 15.98 9.62 9.83
N THR E 12 16.63 8.54 10.19
CA THR E 12 16.97 7.51 9.23
C THR E 12 15.72 6.75 8.76
N TYR E 13 14.85 6.43 9.70
CA TYR E 13 13.58 5.77 9.37
C TYR E 13 12.77 6.58 8.35
N ALA E 14 12.61 7.86 8.61
CA ALA E 14 11.84 8.71 7.71
C ALA E 14 12.55 8.92 6.37
N PHE E 15 13.88 9.06 6.37
CA PHE E 15 14.59 9.17 5.11
C PHE E 15 14.55 7.85 4.31
N LEU E 16 14.47 6.71 4.98
CA LEU E 16 14.27 5.44 4.27
C LEU E 16 12.90 5.38 3.56
N MET E 17 11.87 5.93 4.20
CA MET E 17 10.56 6.03 3.56
CA MET E 17 10.56 6.03 3.56
C MET E 17 10.62 6.96 2.34
N THR E 18 11.40 8.02 2.43
CA THR E 18 11.57 8.96 1.32
C THR E 18 12.29 8.27 0.17
N THR E 19 13.42 7.63 0.48
CA THR E 19 14.21 6.99 -0.54
C THR E 19 13.43 5.85 -1.21
N GLY E 20 12.72 5.06 -0.42
CA GLY E 20 11.92 3.98 -0.95
C GLY E 20 10.82 4.48 -1.90
N THR E 21 10.20 5.59 -1.56
CA THR E 21 9.14 6.13 -2.39
C THR E 21 9.64 6.66 -3.73
N ILE E 22 10.75 7.38 -3.68
CA ILE E 22 11.27 8.05 -4.85
CA ILE E 22 11.28 8.04 -4.85
C ILE E 22 11.78 7.01 -5.86
N THR E 23 12.44 5.96 -5.38
CA THR E 23 12.94 4.92 -6.29
C THR E 23 11.81 4.00 -6.79
N PHE E 24 10.82 3.73 -5.94
CA PHE E 24 9.63 3.00 -6.33
C PHE E 24 8.93 3.65 -7.53
N ILE E 25 8.64 4.94 -7.40
CA ILE E 25 7.88 5.62 -8.45
C ILE E 25 8.67 5.65 -9.76
N GLU E 26 9.97 5.92 -9.67
CA GLU E 26 10.78 6.00 -10.88
C GLU E 26 11.03 4.61 -11.47
N ALA E 27 11.15 3.59 -10.62
CA ALA E 27 11.29 2.22 -11.12
C ALA E 27 10.08 1.87 -11.96
N LEU E 28 8.92 2.35 -11.55
CA LEU E 28 7.69 2.05 -12.27
C LEU E 28 7.51 2.86 -13.58
N ARG E 29 8.36 3.86 -13.80
CA ARG E 29 8.15 4.75 -14.95
C ARG E 29 9.34 4.91 -15.88
N THR E 30 10.55 4.56 -15.45
CA THR E 30 11.69 4.70 -16.33
C THR E 30 11.51 3.85 -17.60
N LYS E 31 11.93 4.41 -18.72
CA LYS E 31 11.93 3.69 -20.00
C LYS E 31 13.18 2.80 -20.16
N ASN E 32 14.17 3.03 -19.32
CA ASN E 32 15.40 2.26 -19.38
C ASN E 32 15.33 1.08 -18.41
N GLU E 33 15.33 -0.12 -18.98
CA GLU E 33 15.11 -1.33 -18.19
C GLU E 33 16.22 -1.58 -17.21
N SER E 34 17.45 -1.23 -17.58
CA SER E 34 18.58 -1.41 -16.69
C SER E 34 18.45 -0.48 -15.48
N VAL E 35 18.02 0.75 -15.72
CA VAL E 35 17.78 1.67 -14.62
C VAL E 35 16.65 1.15 -13.72
N ARG E 36 15.62 0.55 -14.33
CA ARG E 36 14.54 -0.02 -13.54
C ARG E 36 15.06 -1.09 -12.58
N HIS E 37 15.93 -1.97 -13.07
CA HIS E 37 16.43 -3.03 -12.22
C HIS E 37 17.19 -2.46 -11.05
N ILE E 38 18.02 -1.45 -11.30
CA ILE E 38 18.77 -0.79 -10.23
C ILE E 38 17.84 -0.12 -9.22
N LEU E 39 16.85 0.62 -9.72
CA LEU E 39 15.94 1.32 -8.82
C LEU E 39 15.01 0.37 -8.05
N ASN E 40 14.67 -0.76 -8.66
CA ASN E 40 13.90 -1.83 -8.02
C ASN E 40 14.67 -2.38 -6.82
N LEU E 41 15.91 -2.78 -7.05
CA LEU E 41 16.78 -3.23 -5.97
C LEU E 41 16.89 -2.16 -4.88
N GLU E 42 17.05 -0.92 -5.28
CA GLU E 42 17.20 0.16 -4.32
C GLU E 42 15.95 0.30 -3.45
N THR E 43 14.78 0.12 -4.05
CA THR E 43 13.52 0.14 -3.29
C THR E 43 13.52 -0.96 -2.23
N CYS E 44 13.96 -2.17 -2.60
CA CYS E 44 14.04 -3.28 -1.66
C CYS E 44 14.92 -2.98 -0.45
N ILE E 45 16.04 -2.32 -0.69
CA ILE E 45 16.93 -1.92 0.40
C ILE E 45 16.22 -1.04 1.40
N SER E 46 15.50 -0.04 0.89
CA SER E 46 14.74 0.85 1.76
C SER E 46 13.60 0.15 2.50
N VAL E 47 12.92 -0.77 1.83
CA VAL E 47 11.86 -1.54 2.46
C VAL E 47 12.40 -2.35 3.63
N VAL E 48 13.50 -3.05 3.40
CA VAL E 48 14.05 -3.94 4.42
C VAL E 48 14.57 -3.14 5.59
N ALA E 49 15.38 -2.11 5.30
CA ALA E 49 15.95 -1.30 6.35
C ALA E 49 14.87 -0.56 7.15
N ALA E 50 13.84 -0.08 6.47
CA ALA E 50 12.72 0.57 7.17
C ALA E 50 12.04 -0.39 8.15
N PHE E 51 11.83 -1.64 7.75
CA PHE E 51 11.27 -2.63 8.65
C PHE E 51 12.10 -2.73 9.94
N PHE E 52 13.42 -2.87 9.80
CA PHE E 52 14.23 -2.98 10.98
C PHE E 52 14.24 -1.72 11.83
N TYR E 53 14.31 -0.54 11.19
CA TYR E 53 14.24 0.70 11.96
C TYR E 53 12.90 0.85 12.67
N SER E 54 11.81 0.36 12.09
CA SER E 54 10.51 0.46 12.80
C SER E 54 10.52 -0.43 14.04
N ASN E 55 11.18 -1.59 13.95
CA ASN E 55 11.41 -2.44 15.12
C ASN E 55 12.22 -1.71 16.20
N PHE E 56 13.34 -1.11 15.80
CA PHE E 56 14.18 -0.38 16.75
C PHE E 56 13.38 0.71 17.43
N ILE E 57 12.65 1.49 16.64
CA ILE E 57 11.87 2.60 17.18
C ILE E 57 10.82 2.09 18.17
N GLY E 58 10.22 0.94 17.89
CA GLY E 58 9.24 0.34 18.78
C GLY E 58 9.82 -0.11 20.11
N LYS E 59 11.15 -0.17 20.22
CA LYS E 59 11.82 -0.59 21.44
C LYS E 59 12.53 0.55 22.19
N LEU E 60 12.34 1.79 21.74
CA LEU E 60 13.08 2.92 22.33
C LEU E 60 12.85 3.10 23.84
N GLU E 61 11.65 2.82 24.31
CA GLU E 61 11.31 3.04 25.72
C GLU E 61 12.28 2.31 26.66
N HIS E 62 12.42 1.00 26.48
CA HIS E 62 13.34 0.23 27.31
C HIS E 62 14.55 -0.22 26.49
N ILE E 63 15.16 0.71 25.78
CA ILE E 63 16.19 0.39 24.79
C ILE E 63 17.43 -0.27 25.36
N ASN E 64 17.80 -1.41 24.77
CA ASN E 64 19.04 -2.09 25.07
C ASN E 64 19.98 -1.90 23.88
N TYR E 65 20.95 -1.01 24.04
CA TYR E 65 21.81 -0.61 22.92
C TYR E 65 22.57 -1.78 22.32
N GLU E 66 23.02 -2.71 23.16
CA GLU E 66 23.76 -3.86 22.65
C GLU E 66 22.84 -4.74 21.82
N GLU E 67 21.63 -4.98 22.32
CA GLU E 67 20.66 -5.78 21.59
C GLU E 67 20.41 -5.18 20.21
N ILE E 68 20.25 -3.87 20.14
CA ILE E 68 19.96 -3.23 18.86
C ILE E 68 21.10 -3.49 17.88
N ASN E 69 22.34 -3.26 18.33
CA ASN E 69 23.48 -3.47 17.45
C ASN E 69 23.61 -4.91 16.94
N LEU E 70 23.26 -5.88 17.77
CA LEU E 70 23.24 -7.29 17.33
C LEU E 70 22.11 -7.54 16.32
N ASN E 71 20.97 -6.89 16.51
CA ASN E 71 19.84 -7.03 15.61
C ASN E 71 20.15 -6.47 14.21
N ARG E 72 21.02 -5.47 14.17
CA ARG E 72 21.37 -4.85 12.90
C ARG E 72 21.96 -5.86 11.94
N TYR E 73 22.58 -6.90 12.48
CA TYR E 73 23.22 -7.88 11.60
C TYR E 73 22.21 -8.56 10.71
N VAL E 74 20.97 -8.71 11.17
CA VAL E 74 19.95 -9.34 10.34
C VAL E 74 19.67 -8.42 9.15
N ASP E 75 19.53 -7.13 9.45
CA ASP E 75 19.35 -6.12 8.41
C ASP E 75 20.52 -6.17 7.41
N TRP E 76 21.74 -6.08 7.94
CA TRP E 76 22.93 -6.06 7.10
C TRP E 76 23.02 -7.30 6.21
N ALA E 77 22.70 -8.46 6.77
CA ALA E 77 22.77 -9.73 6.02
C ALA E 77 21.90 -9.69 4.77
N ILE E 78 20.80 -8.93 4.82
CA ILE E 78 19.89 -8.82 3.70
C ILE E 78 20.24 -7.65 2.79
N THR E 79 20.52 -6.50 3.37
CA THR E 79 20.74 -5.30 2.56
C THR E 79 22.12 -5.21 1.89
N THR E 80 23.18 -5.70 2.54
CA THR E 80 24.51 -5.56 1.95
C THR E 80 24.64 -6.28 0.61
N PRO E 81 24.08 -7.50 0.46
CA PRO E 81 24.19 -8.13 -0.86
C PRO E 81 23.41 -7.36 -1.94
N ILE E 82 22.27 -6.79 -1.57
CA ILE E 82 21.48 -6.03 -2.53
C ILE E 82 22.23 -4.77 -2.94
N MET E 83 22.79 -4.07 -1.96
CA MET E 83 23.55 -2.85 -2.22
C MET E 83 24.75 -3.10 -3.12
N LEU E 84 25.43 -4.22 -2.90
CA LEU E 84 26.58 -4.58 -3.70
C LEU E 84 26.20 -4.96 -5.12
N LEU E 85 25.07 -5.66 -5.28
CA LEU E 85 24.56 -5.96 -6.60
C LEU E 85 24.24 -4.66 -7.34
N VAL E 86 23.55 -3.73 -6.67
CA VAL E 86 23.29 -2.43 -7.27
C VAL E 86 24.59 -1.75 -7.72
N LEU E 87 25.60 -1.75 -6.85
CA LEU E 87 26.86 -1.08 -7.17
C LEU E 87 27.45 -1.64 -8.48
N VAL E 88 27.56 -2.97 -8.58
CA VAL E 88 28.22 -3.58 -9.74
C VAL E 88 27.38 -3.43 -11.01
N LEU E 89 26.06 -3.51 -10.89
CA LEU E 89 25.20 -3.25 -12.03
C LEU E 89 25.32 -1.80 -12.49
N ALA E 90 25.42 -0.87 -11.55
CA ALA E 90 25.60 0.54 -11.86
C ALA E 90 26.93 0.79 -12.59
N PHE E 91 27.99 0.11 -12.17
CA PHE E 91 29.28 0.24 -12.84
C PHE E 91 29.10 -0.03 -14.33
N ARG E 92 28.36 -1.09 -14.62
CA ARG E 92 28.17 -1.56 -15.98
C ARG E 92 27.20 -0.69 -16.77
N VAL E 93 26.19 -0.15 -16.11
CA VAL E 93 25.30 0.80 -16.77
C VAL E 93 26.10 2.03 -17.19
N ASN E 94 26.98 2.48 -16.29
CA ASN E 94 27.79 3.66 -16.55
C ASN E 94 28.76 3.43 -17.71
N GLN E 95 29.13 2.18 -17.94
CA GLN E 95 30.09 1.85 -18.98
C GLN E 95 29.40 1.45 -20.29
N THR E 96 28.45 0.53 -20.20
CA THR E 96 27.83 -0.08 -21.38
C THR E 96 26.33 0.13 -21.49
N ASN E 97 25.73 0.77 -20.49
CA ASN E 97 24.28 1.00 -20.47
C ASN E 97 23.45 -0.28 -20.32
N LYS E 98 24.08 -1.36 -19.85
CA LYS E 98 23.34 -2.58 -19.51
C LYS E 98 23.67 -3.01 -18.10
N ALA E 99 22.65 -3.42 -17.36
CA ALA E 99 22.83 -3.96 -16.02
C ALA E 99 23.12 -5.44 -16.15
N MET E 100 24.39 -5.81 -16.15
CA MET E 100 24.80 -7.20 -16.09
C MET E 100 26.09 -7.39 -15.31
N VAL E 101 26.19 -8.53 -14.64
CA VAL E 101 27.41 -8.90 -13.95
C VAL E 101 27.55 -10.42 -14.02
N LYS E 102 28.77 -10.91 -13.92
CA LYS E 102 29.01 -12.34 -13.87
C LYS E 102 28.63 -12.86 -12.49
N PHE E 103 27.81 -13.91 -12.44
CA PHE E 103 27.39 -14.50 -11.17
C PHE E 103 28.57 -14.96 -10.32
N SER E 104 29.57 -15.55 -10.97
CA SER E 104 30.76 -16.00 -10.26
C SER E 104 31.44 -14.82 -9.57
N ASP E 105 31.59 -13.71 -10.28
CA ASP E 105 32.15 -12.50 -9.68
C ASP E 105 31.32 -12.03 -8.50
N PHE E 106 29.99 -12.08 -8.66
CA PHE E 106 29.11 -11.67 -7.59
C PHE E 106 29.21 -12.60 -6.38
N MET E 107 29.40 -13.90 -6.60
CA MET E 107 29.51 -14.81 -5.46
C MET E 107 30.81 -14.55 -4.69
N ILE E 108 31.85 -14.13 -5.40
CA ILE E 108 33.12 -13.81 -4.75
C ILE E 108 32.95 -12.55 -3.91
N ILE E 109 32.27 -11.56 -4.48
CA ILE E 109 31.93 -10.37 -3.70
C ILE E 109 31.18 -10.74 -2.42
N LEU E 110 30.17 -11.59 -2.52
CA LEU E 110 29.38 -11.98 -1.36
C LEU E 110 30.20 -12.77 -0.34
N GLY E 111 31.10 -13.62 -0.82
CA GLY E 111 31.98 -14.36 0.10
C GLY E 111 32.77 -13.42 0.98
N MET E 112 33.34 -12.39 0.37
CA MET E 112 34.14 -11.43 1.11
C MET E 112 33.23 -10.65 2.06
N ASN E 113 32.06 -10.28 1.55
CA ASN E 113 31.11 -9.49 2.32
C ASN E 113 30.68 -10.23 3.58
N TYR E 114 30.34 -11.51 3.42
CA TYR E 114 29.89 -12.28 4.58
C TYR E 114 31.04 -12.70 5.48
N GLY E 115 32.26 -12.77 4.94
CA GLY E 115 33.42 -12.99 5.81
C GLY E 115 33.55 -11.79 6.74
N MET E 116 33.43 -10.61 6.15
CA MET E 116 33.52 -9.35 6.87
C MET E 116 32.46 -9.28 7.96
N LEU E 117 31.19 -9.47 7.58
CA LEU E 117 30.09 -9.38 8.53
C LEU E 117 30.14 -10.49 9.57
N GLY E 118 30.42 -11.70 9.14
CA GLY E 118 30.45 -12.85 10.05
C GLY E 118 31.54 -12.71 11.11
N THR E 119 32.68 -12.17 10.68
CA THR E 119 33.78 -11.93 11.60
C THR E 119 33.38 -10.88 12.62
N GLY E 120 32.77 -9.79 12.15
CA GLY E 120 32.24 -8.76 13.05
C GLY E 120 31.30 -9.34 14.08
N TYR E 121 30.38 -10.18 13.62
CA TYR E 121 29.42 -10.81 14.50
C TYR E 121 30.09 -11.69 15.54
N LEU E 122 31.04 -12.52 15.12
CA LEU E 122 31.75 -13.40 16.05
C LEU E 122 32.41 -12.60 17.16
N GLY E 123 32.96 -11.44 16.80
CA GLY E 123 33.55 -10.54 17.78
C GLY E 123 32.54 -9.96 18.75
N ASP E 124 31.37 -9.58 18.25
CA ASP E 124 30.35 -8.98 19.10
C ASP E 124 29.77 -9.97 20.09
N ILE E 125 29.67 -11.24 19.69
CA ILE E 125 29.14 -12.26 20.61
C ILE E 125 30.27 -12.94 21.40
N GLY E 126 31.50 -12.45 21.24
CA GLY E 126 32.63 -12.90 22.05
C GLY E 126 33.18 -14.28 21.73
N VAL E 127 32.89 -14.79 20.54
CA VAL E 127 33.50 -16.03 20.09
C VAL E 127 34.97 -15.77 19.75
N ILE E 128 35.24 -14.59 19.21
CA ILE E 128 36.60 -14.10 19.07
C ILE E 128 36.67 -12.75 19.77
N HIS E 129 37.87 -12.28 20.05
CA HIS E 129 38.05 -10.94 20.60
C HIS E 129 37.60 -9.89 19.60
N LYS E 130 36.99 -8.83 20.13
CA LYS E 130 36.53 -7.71 19.35
C LYS E 130 37.67 -7.13 18.52
N THR E 131 38.84 -7.04 19.13
CA THR E 131 40.02 -6.51 18.45
C THR E 131 40.36 -7.36 17.23
N MET E 132 40.28 -8.68 17.39
CA MET E 132 40.54 -9.57 16.27
C MET E 132 39.46 -9.45 15.21
N GLY E 133 38.22 -9.40 15.66
CA GLY E 133 37.08 -9.20 14.75
C GLY E 133 37.29 -7.96 13.89
N THR E 134 37.79 -6.90 14.50
CA THR E 134 38.04 -5.65 13.76
C THR E 134 39.06 -5.86 12.65
N VAL E 135 40.20 -6.45 12.99
CA VAL E 135 41.27 -6.56 12.01
C VAL E 135 40.93 -7.56 10.91
N LEU E 136 40.40 -8.71 11.30
CA LEU E 136 40.02 -9.74 10.36
C LEU E 136 38.87 -9.26 9.48
N GLY E 137 37.94 -8.54 10.11
CA GLY E 137 36.85 -7.88 9.40
C GLY E 137 37.38 -6.96 8.31
N PHE E 138 38.35 -6.12 8.64
CA PHE E 138 38.86 -5.17 7.67
C PHE E 138 39.62 -5.87 6.55
N LEU E 139 40.23 -7.01 6.86
CA LEU E 139 40.90 -7.81 5.85
C LEU E 139 39.89 -8.30 4.83
N PHE E 140 38.77 -8.85 5.29
CA PHE E 140 37.72 -9.25 4.35
C PHE E 140 37.20 -8.05 3.57
N PHE E 141 37.09 -6.92 4.25
CA PHE E 141 36.69 -5.65 3.62
C PHE E 141 37.63 -5.30 2.49
N GLY E 142 38.93 -5.46 2.73
CA GLY E 142 39.93 -5.26 1.68
C GLY E 142 39.67 -6.17 0.50
N GLY E 143 39.42 -7.44 0.76
CA GLY E 143 39.14 -8.39 -0.31
C GLY E 143 37.89 -7.99 -1.10
N LEU E 144 36.87 -7.57 -0.37
CA LEU E 144 35.64 -7.08 -0.97
C LEU E 144 35.88 -5.90 -1.92
N PHE E 145 36.59 -4.88 -1.45
CA PHE E 145 36.75 -3.68 -2.22
C PHE E 145 37.82 -3.79 -3.29
N TYR E 146 38.75 -4.73 -3.15
CA TYR E 146 39.64 -5.05 -4.25
C TYR E 146 38.82 -5.70 -5.38
N LYS E 147 38.01 -6.69 -5.04
CA LYS E 147 37.20 -7.34 -6.05
C LYS E 147 36.26 -6.35 -6.73
N LEU E 148 35.60 -5.51 -5.93
CA LEU E 148 34.75 -4.45 -6.47
C LEU E 148 35.53 -3.58 -7.46
N ASN E 149 36.75 -3.19 -7.09
CA ASN E 149 37.56 -2.31 -7.92
C ASN E 149 37.84 -2.93 -9.29
N THR E 150 37.95 -4.25 -9.36
CA THR E 150 38.23 -4.92 -10.64
C THR E 150 37.03 -4.89 -11.58
N LEU E 151 35.84 -4.63 -11.07
CA LEU E 151 34.64 -4.57 -11.92
C LEU E 151 34.31 -3.14 -12.32
N ARG E 152 35.13 -2.20 -11.85
CA ARG E 152 34.86 -0.81 -12.08
C ARG E 152 35.69 -0.26 -13.23
N THR E 153 35.02 0.40 -14.17
CA THR E 153 35.71 1.18 -15.19
C THR E 153 35.68 2.63 -14.74
N SER E 154 36.74 3.37 -15.06
CA SER E 154 36.87 4.74 -14.59
C SER E 154 35.93 5.68 -15.31
N ASN E 155 35.16 6.42 -14.53
CA ASN E 155 34.36 7.53 -15.01
C ASN E 155 33.76 8.19 -13.77
N ALA E 156 33.18 9.36 -13.92
CA ALA E 156 32.89 10.22 -12.78
C ALA E 156 31.92 9.58 -11.78
N SER E 157 30.88 8.94 -12.29
CA SER E 157 29.89 8.31 -11.41
C SER E 157 30.50 7.08 -10.73
N ASN E 158 31.22 6.26 -11.50
CA ASN E 158 31.80 5.06 -10.94
C ASN E 158 32.82 5.35 -9.85
N ASP E 159 33.61 6.41 -10.05
CA ASP E 159 34.63 6.80 -9.07
C ASP E 159 34.00 7.37 -7.80
N LEU E 160 32.94 8.15 -7.97
CA LEU E 160 32.24 8.72 -6.82
C LEU E 160 31.56 7.59 -6.05
N LEU E 161 30.91 6.68 -6.77
CA LEU E 161 30.20 5.57 -6.16
C LEU E 161 31.17 4.67 -5.41
N TYR E 162 32.25 4.29 -6.07
CA TYR E 162 33.22 3.42 -5.43
C TYR E 162 33.77 4.11 -4.18
N GLY E 163 34.15 5.37 -4.33
CA GLY E 163 34.76 6.12 -3.23
C GLY E 163 33.81 6.30 -2.05
N ALA E 164 32.54 6.53 -2.37
CA ALA E 164 31.53 6.70 -1.33
C ALA E 164 31.31 5.39 -0.56
N PHE E 165 31.19 4.29 -1.28
CA PHE E 165 31.00 2.99 -0.63
C PHE E 165 32.24 2.66 0.21
N PHE E 166 33.41 2.88 -0.36
CA PHE E 166 34.65 2.57 0.35
C PHE E 166 34.69 3.28 1.70
N VAL E 167 34.50 4.60 1.69
CA VAL E 167 34.59 5.38 2.92
C VAL E 167 33.46 5.03 3.90
N LEU E 168 32.22 5.00 3.42
CA LEU E 168 31.07 4.75 4.29
C LEU E 168 31.14 3.37 4.92
N TRP E 169 31.48 2.36 4.13
CA TRP E 169 31.52 1.00 4.65
C TRP E 169 32.68 0.83 5.63
N ALA E 170 33.84 1.41 5.31
CA ALA E 170 34.97 1.43 6.25
C ALA E 170 34.56 2.03 7.60
N LEU E 171 33.76 3.09 7.59
CA LEU E 171 33.37 3.75 8.85
C LEU E 171 32.53 2.83 9.76
N TYR E 172 31.81 1.88 9.19
CA TYR E 172 31.11 0.90 10.02
C TYR E 172 32.11 0.16 10.90
N GLY E 173 33.22 -0.24 10.29
CA GLY E 173 34.31 -0.89 11.03
C GLY E 173 34.92 0.00 12.10
N VAL E 174 34.95 1.30 11.85
CA VAL E 174 35.45 2.24 12.84
C VAL E 174 34.50 2.36 14.01
N PHE E 175 33.21 2.50 13.72
CA PHE E 175 32.22 2.68 14.79
C PHE E 175 31.98 1.38 15.58
N TYR E 176 32.30 0.25 14.96
CA TYR E 176 32.22 -1.07 15.59
C TYR E 176 32.91 -1.13 16.95
N GLN E 177 33.97 -0.34 17.09
CA GLN E 177 34.84 -0.39 18.25
C GLN E 177 34.35 0.49 19.40
N MET E 178 33.37 1.35 19.14
CA MET E 178 32.90 2.29 20.15
C MET E 178 31.92 1.65 21.12
N GLU E 179 31.62 2.37 22.18
CA GLU E 179 30.65 1.90 23.15
C GLU E 179 29.27 1.81 22.48
N GLN E 180 28.40 0.99 23.04
CA GLN E 180 27.15 0.62 22.36
C GLN E 180 26.28 1.82 21.96
N LEU E 181 26.26 2.84 22.81
CA LEU E 181 25.41 4.00 22.58
C LEU E 181 25.90 4.85 21.40
N PRO E 182 27.16 5.30 21.46
CA PRO E 182 27.63 6.07 20.31
C PRO E 182 27.73 5.23 19.04
N ARG E 183 27.91 3.92 19.20
CA ARG E 183 27.94 3.02 18.06
C ARG E 183 26.58 3.01 17.35
N ASN E 184 25.50 2.99 18.12
CA ASN E 184 24.16 3.04 17.54
C ASN E 184 23.94 4.33 16.75
N VAL E 185 24.30 5.45 17.36
CA VAL E 185 24.08 6.73 16.70
C VAL E 185 24.90 6.81 15.41
N GLY E 186 26.16 6.37 15.46
CA GLY E 186 27.01 6.36 14.28
C GLY E 186 26.44 5.53 13.14
N TYR E 187 25.96 4.34 13.49
CA TYR E 187 25.34 3.43 12.53
C TYR E 187 24.07 4.06 11.93
N ASN E 188 23.29 4.76 12.75
CA ASN E 188 22.08 5.39 12.23
C ASN E 188 22.45 6.42 11.16
N VAL E 189 23.49 7.20 11.46
CA VAL E 189 23.91 8.22 10.53
C VAL E 189 24.58 7.61 9.29
N LEU E 190 25.39 6.57 9.50
CA LEU E 190 25.99 5.85 8.37
C LEU E 190 24.94 5.25 7.43
N ASP E 191 23.91 4.62 8.01
CA ASP E 191 22.79 4.10 7.22
C ASP E 191 22.10 5.21 6.40
N LEU E 192 21.94 6.38 7.00
CA LEU E 192 21.34 7.51 6.30
C LEU E 192 22.14 7.83 5.03
N PHE E 193 23.47 7.80 5.16
CA PHE E 193 24.34 8.06 4.01
C PHE E 193 24.40 6.87 3.06
N SER E 194 24.66 5.68 3.60
CA SER E 194 24.96 4.51 2.76
C SER E 194 23.73 3.94 2.08
N LYS E 195 22.57 4.09 2.69
CA LYS E 195 21.34 3.60 2.06
C LYS E 195 20.60 4.76 1.41
N CYS E 196 20.18 5.74 2.22
CA CYS E 196 19.30 6.81 1.72
C CYS E 196 19.95 7.78 0.74
N PHE E 197 21.08 8.38 1.11
CA PHE E 197 21.69 9.38 0.24
C PHE E 197 22.21 8.72 -1.03
N VAL E 198 22.72 7.50 -0.90
CA VAL E 198 23.12 6.73 -2.08
C VAL E 198 21.91 6.45 -2.99
N GLY E 199 20.82 5.96 -2.41
CA GLY E 199 19.58 5.78 -3.18
C GLY E 199 19.11 7.05 -3.87
N ILE E 200 19.11 8.15 -3.14
CA ILE E 200 18.66 9.42 -3.68
C ILE E 200 19.61 9.86 -4.80
N TYR E 201 20.90 9.61 -4.62
CA TYR E 201 21.88 9.85 -5.68
C TYR E 201 21.53 9.07 -6.94
N PHE E 202 21.24 7.79 -6.81
CA PHE E 202 20.90 6.99 -7.98
C PHE E 202 19.69 7.56 -8.73
N TRP E 203 18.66 7.90 -7.97
CA TRP E 203 17.47 8.50 -8.58
C TRP E 203 17.82 9.80 -9.32
N ALA E 204 18.48 10.71 -8.60
CA ALA E 204 18.84 11.99 -9.15
C ALA E 204 19.76 11.87 -10.36
N PHE E 205 20.67 10.90 -10.32
CA PHE E 205 21.63 10.68 -11.40
C PHE E 205 20.90 10.22 -12.66
N TYR E 206 20.07 9.19 -12.54
CA TYR E 206 19.36 8.68 -13.71
C TYR E 206 18.27 9.62 -14.21
N ALA E 207 17.69 10.40 -13.29
CA ALA E 207 16.67 11.39 -13.67
C ALA E 207 17.27 12.68 -14.23
N LYS E 208 18.58 12.85 -14.13
CA LYS E 208 19.30 14.04 -14.66
C LYS E 208 18.81 15.34 -14.04
N ILE E 209 18.61 15.31 -12.73
CA ILE E 209 18.08 16.42 -11.94
C ILE E 209 19.11 17.53 -11.78
N PHE E 210 20.38 17.15 -11.71
CA PHE E 210 21.42 18.10 -11.37
C PHE E 210 22.39 18.34 -12.52
N THR E 211 22.78 19.61 -12.71
CA THR E 211 23.91 19.94 -13.59
C THR E 211 25.15 20.10 -12.71
N LEU E 212 26.26 19.48 -13.10
CA LEU E 212 27.49 19.57 -12.33
C LEU E 212 28.27 20.82 -12.71
#